data_7U9K
#
_entry.id   7U9K
#
_cell.length_a   52.447
_cell.length_b   70.058
_cell.length_c   91.598
_cell.angle_alpha   90.000
_cell.angle_beta   102.580
_cell.angle_gamma   90.000
#
_symmetry.space_group_name_H-M   'P 1 21 1'
#
loop_
_entity.id
_entity.type
_entity.pdbx_description
1 polymer 'D-alanine--D-alanine ligase'
2 polymer DAL-DAL
3 non-polymer 'POTASSIUM ION'
4 non-polymer 'MAGNESIUM ION'
5 non-polymer "ADENOSINE-5'-DIPHOSPHATE"
6 non-polymer "ADENOSINE-5'-TRIPHOSPHATE"
7 water water
#
loop_
_entity_poly.entity_id
_entity_poly.type
_entity_poly.pdbx_seq_one_letter_code
_entity_poly.pdbx_strand_id
1 'polypeptide(L)'
;MTKENICIVFGGKSAEHEVSILTAQNVLNAIDKDKYHVDIIYITNDGDWRKQNNITAEIKSTDELHLENGEALEISQLLK
ESSSGQPYDAVFPLLHGPNGEDGTIQGLFEVLDVPYVGNGVLSAASSMDKLVMKQLFEHRGLPQLPYISFLRSEYEKYEH
NILKLVNDKLNYPVFVKPANLGSSVGISKCNNEAELKEGIKEAFQFDRKLVIEQGVNAREIEVAVLGNDYPEATWPGEVV
KDVAFYDYKSKYKDGKVQLQIPADLDEDVQLTLRNMALEAFKATDCSGLVRADFFVTEDNQIYINETNAMPGFTAFSMYP
KLWENMGLSYPELITKLIELAKERHQDKQKNKYKIDRSHHHHHH
;
A,B
2 'polypeptide(D)' (DAL)(DAL) F
#
# COMPACT_ATOMS: atom_id res chain seq x y z
N LYS A 3 -27.89 -8.93 -18.62
CA LYS A 3 -27.57 -8.17 -17.42
C LYS A 3 -26.18 -8.49 -16.89
N GLU A 4 -25.60 -7.57 -16.13
CA GLU A 4 -24.37 -7.80 -15.42
C GLU A 4 -24.66 -7.99 -13.93
N ASN A 5 -23.76 -8.70 -13.25
CA ASN A 5 -23.95 -9.05 -11.85
C ASN A 5 -23.12 -8.12 -10.97
N ILE A 6 -23.80 -7.38 -10.08
CA ILE A 6 -23.15 -6.44 -9.18
C ILE A 6 -23.51 -6.81 -7.75
N CYS A 7 -22.57 -6.58 -6.84
CA CYS A 7 -22.78 -6.79 -5.41
C CYS A 7 -22.40 -5.52 -4.66
N ILE A 8 -23.30 -5.05 -3.80
CA ILE A 8 -23.08 -3.85 -3.00
C ILE A 8 -22.71 -4.28 -1.58
N VAL A 9 -21.62 -3.71 -1.06
CA VAL A 9 -21.15 -4.00 0.29
C VAL A 9 -21.24 -2.71 1.10
N PHE A 10 -21.93 -2.79 2.24
CA PHE A 10 -22.18 -1.60 3.05
C PHE A 10 -22.28 -2.00 4.51
N GLY A 11 -22.24 -0.99 5.39
CA GLY A 11 -22.26 -1.19 6.82
C GLY A 11 -20.89 -1.02 7.43
N GLY A 12 -20.38 -2.07 8.06
CA GLY A 12 -18.99 -2.11 8.49
C GLY A 12 -18.80 -1.73 9.94
N LYS A 13 -17.69 -2.21 10.50
CA LYS A 13 -17.24 -1.83 11.85
C LYS A 13 -16.73 -0.39 11.79
N SER A 14 -17.68 0.54 11.82
CA SER A 14 -17.36 1.95 11.61
C SER A 14 -18.28 2.81 12.46
N ALA A 15 -17.81 4.03 12.75
CA ALA A 15 -18.68 5.02 13.38
C ALA A 15 -19.68 5.56 12.37
N GLU A 16 -19.34 5.55 11.09
CA GLU A 16 -20.22 5.96 10.00
C GLU A 16 -21.05 4.81 9.46
N HIS A 17 -21.50 3.92 10.36
CA HIS A 17 -22.26 2.74 9.94
C HIS A 17 -23.60 3.14 9.32
N GLU A 18 -24.26 4.14 9.91
CA GLU A 18 -25.60 4.51 9.45
C GLU A 18 -25.55 5.26 8.13
N VAL A 19 -24.54 6.11 7.94
CA VAL A 19 -24.46 6.86 6.68
C VAL A 19 -24.03 5.94 5.54
N SER A 20 -23.30 4.87 5.85
CA SER A 20 -23.01 3.86 4.83
C SER A 20 -24.29 3.16 4.39
N ILE A 21 -25.19 2.89 5.33
CA ILE A 21 -26.49 2.31 4.99
C ILE A 21 -27.32 3.30 4.18
N LEU A 22 -27.31 4.57 4.59
CA LEU A 22 -28.01 5.59 3.83
C LEU A 22 -27.43 5.71 2.43
N THR A 23 -26.10 5.62 2.30
CA THR A 23 -25.47 5.63 0.99
C THR A 23 -25.93 4.45 0.15
N ALA A 24 -26.07 3.27 0.76
CA ALA A 24 -26.51 2.09 0.04
C ALA A 24 -27.91 2.26 -0.52
N GLN A 25 -28.80 2.91 0.25
CA GLN A 25 -30.16 3.13 -0.23
C GLN A 25 -30.18 4.01 -1.48
N ASN A 26 -29.39 5.09 -1.47
CA ASN A 26 -29.35 5.98 -2.63
C ASN A 26 -28.75 5.28 -3.84
N VAL A 27 -27.69 4.49 -3.63
CA VAL A 27 -27.05 3.80 -4.75
C VAL A 27 -27.98 2.73 -5.32
N LEU A 28 -28.58 1.92 -4.43
CA LEU A 28 -29.48 0.86 -4.89
C LEU A 28 -30.66 1.42 -5.69
N ASN A 29 -31.26 2.51 -5.20
CA ASN A 29 -32.40 3.10 -5.87
C ASN A 29 -32.03 3.84 -7.16
N ALA A 30 -30.73 4.08 -7.40
CA ALA A 30 -30.28 4.74 -8.61
C ALA A 30 -29.85 3.76 -9.70
N ILE A 31 -29.71 2.48 -9.37
CA ILE A 31 -29.26 1.47 -10.32
C ILE A 31 -30.46 0.94 -11.09
N ASP A 32 -30.33 0.89 -12.42
CA ASP A 32 -31.38 0.35 -13.28
C ASP A 32 -31.41 -1.16 -13.15
N LYS A 33 -32.48 -1.71 -12.57
CA LYS A 33 -32.58 -3.14 -12.35
C LYS A 33 -32.64 -3.94 -13.65
N ASP A 34 -33.09 -3.32 -14.74
CA ASP A 34 -33.13 -4.00 -16.03
C ASP A 34 -31.74 -4.17 -16.63
N LYS A 35 -30.75 -3.43 -16.13
CA LYS A 35 -29.39 -3.51 -16.64
C LYS A 35 -28.46 -4.30 -15.73
N TYR A 36 -28.75 -4.35 -14.44
CA TYR A 36 -27.88 -5.00 -13.46
C TYR A 36 -28.67 -5.95 -12.58
N HIS A 37 -28.11 -7.14 -12.38
CA HIS A 37 -28.56 -8.04 -11.31
C HIS A 37 -27.81 -7.66 -10.04
N VAL A 38 -28.56 -7.36 -8.98
CA VAL A 38 -28.00 -6.69 -7.81
C VAL A 38 -28.21 -7.57 -6.59
N ASP A 39 -27.11 -7.93 -5.92
CA ASP A 39 -27.12 -8.52 -4.59
C ASP A 39 -26.45 -7.55 -3.62
N ILE A 40 -26.75 -7.72 -2.33
CA ILE A 40 -26.20 -6.83 -1.31
C ILE A 40 -25.58 -7.68 -0.20
N ILE A 41 -24.50 -7.17 0.38
CA ILE A 41 -23.85 -7.77 1.54
C ILE A 41 -23.79 -6.71 2.63
N TYR A 42 -24.41 -7.01 3.77
CA TYR A 42 -24.44 -6.10 4.91
C TYR A 42 -23.45 -6.60 5.96
N ILE A 43 -22.49 -5.74 6.33
CA ILE A 43 -21.53 -6.04 7.38
C ILE A 43 -22.01 -5.35 8.65
N THR A 44 -22.31 -6.16 9.66
CA THR A 44 -22.82 -5.60 10.91
C THR A 44 -21.70 -4.85 11.65
N ASN A 45 -22.09 -4.15 12.71
CA ASN A 45 -21.14 -3.44 13.56
C ASN A 45 -20.22 -4.38 14.32
N ASP A 46 -20.46 -5.70 14.24
CA ASP A 46 -19.62 -6.69 14.90
C ASP A 46 -18.75 -7.49 13.93
N GLY A 47 -18.89 -7.25 12.63
CA GLY A 47 -18.06 -7.93 11.65
C GLY A 47 -18.71 -9.12 10.97
N ASP A 48 -19.96 -9.44 11.29
CA ASP A 48 -20.65 -10.54 10.64
C ASP A 48 -21.14 -10.12 9.26
N TRP A 49 -20.96 -10.99 8.29
CA TRP A 49 -21.36 -10.72 6.91
C TRP A 49 -22.69 -11.40 6.62
N ARG A 50 -23.66 -10.62 6.14
CA ARG A 50 -24.98 -11.12 5.81
C ARG A 50 -25.36 -10.64 4.41
N LYS A 51 -26.09 -11.49 3.69
CA LYS A 51 -26.33 -11.30 2.27
C LYS A 51 -27.80 -11.46 1.92
N GLN A 52 -28.29 -10.62 1.01
CA GLN A 52 -29.62 -10.73 0.45
C GLN A 52 -29.53 -10.71 -1.07
N ASN A 53 -30.26 -11.60 -1.72
CA ASN A 53 -30.12 -11.84 -3.15
C ASN A 53 -31.19 -11.12 -3.95
N ASN A 54 -30.80 -10.60 -5.12
CA ASN A 54 -31.70 -10.08 -6.14
C ASN A 54 -32.59 -8.96 -5.63
N ILE A 55 -32.06 -7.74 -5.57
CA ILE A 55 -32.86 -6.58 -5.24
C ILE A 55 -33.56 -6.11 -6.50
N THR A 56 -34.89 -6.18 -6.52
CA THR A 56 -35.68 -5.82 -7.68
C THR A 56 -36.63 -4.65 -7.45
N ALA A 57 -36.80 -4.20 -6.22
CA ALA A 57 -37.70 -3.10 -5.90
C ALA A 57 -36.91 -1.96 -5.27
N GLU A 58 -37.61 -0.85 -5.06
CA GLU A 58 -37.01 0.31 -4.41
C GLU A 58 -36.89 0.05 -2.91
N ILE A 59 -35.75 0.46 -2.34
CA ILE A 59 -35.57 0.38 -0.90
C ILE A 59 -36.39 1.46 -0.24
N LYS A 60 -37.37 1.05 0.57
CA LYS A 60 -38.33 1.98 1.15
C LYS A 60 -37.83 2.64 2.44
N SER A 61 -36.89 2.02 3.15
CA SER A 61 -36.42 2.57 4.40
C SER A 61 -35.03 2.00 4.70
N THR A 62 -34.23 2.79 5.42
CA THR A 62 -32.94 2.31 5.89
C THR A 62 -33.08 1.13 6.84
N ASP A 63 -34.25 0.95 7.44
CA ASP A 63 -34.46 -0.17 8.35
C ASP A 63 -34.34 -1.51 7.62
N GLU A 64 -34.88 -1.59 6.41
CA GLU A 64 -34.89 -2.87 5.70
C GLU A 64 -33.52 -3.27 5.19
N LEU A 65 -32.55 -2.35 5.16
CA LEU A 65 -31.18 -2.72 4.83
C LEU A 65 -30.40 -3.26 6.03
N HIS A 66 -30.96 -3.17 7.23
CA HIS A 66 -30.40 -3.82 8.41
C HIS A 66 -30.78 -5.29 8.36
N LEU A 67 -29.93 -6.09 7.72
CA LEU A 67 -30.21 -7.52 7.60
C LEU A 67 -30.00 -8.21 8.94
N GLU A 68 -31.06 -8.78 9.49
CA GLU A 68 -31.01 -9.43 10.79
C GLU A 68 -31.68 -10.80 10.76
N LEU A 73 -22.79 -19.00 6.23
CA LEU A 73 -21.90 -19.03 5.08
C LEU A 73 -20.61 -18.25 5.35
N GLU A 74 -19.56 -18.60 4.62
CA GLU A 74 -18.26 -17.98 4.81
C GLU A 74 -18.12 -16.75 3.91
N ILE A 75 -17.12 -15.92 4.22
CA ILE A 75 -16.91 -14.67 3.49
C ILE A 75 -16.54 -14.95 2.04
N SER A 76 -15.68 -15.94 1.79
CA SER A 76 -15.25 -16.23 0.43
C SER A 76 -16.41 -16.75 -0.42
N GLN A 77 -17.39 -17.40 0.19
CA GLN A 77 -18.54 -17.90 -0.57
C GLN A 77 -19.48 -16.78 -0.97
N LEU A 78 -19.61 -15.74 -0.13
CA LEU A 78 -20.56 -14.68 -0.40
C LEU A 78 -20.11 -13.82 -1.58
N LEU A 79 -18.80 -13.60 -1.72
CA LEU A 79 -18.27 -12.73 -2.75
C LEU A 79 -17.91 -13.47 -4.04
N LYS A 80 -17.76 -14.79 -3.99
CA LYS A 80 -17.26 -15.51 -5.15
C LYS A 80 -18.30 -15.62 -6.25
N GLU A 81 -19.55 -15.94 -5.89
CA GLU A 81 -20.58 -16.21 -6.87
C GLU A 81 -21.79 -15.29 -6.66
N SER A 82 -22.34 -14.80 -7.76
CA SER A 82 -23.63 -14.13 -7.70
C SER A 82 -24.74 -15.15 -7.48
N SER A 83 -25.89 -14.66 -7.03
CA SER A 83 -27.04 -15.54 -6.85
C SER A 83 -27.53 -16.10 -8.19
N SER A 84 -27.10 -15.51 -9.31
CA SER A 84 -27.35 -16.08 -10.62
C SER A 84 -26.42 -17.27 -10.93
N GLY A 85 -25.44 -17.53 -10.07
CA GLY A 85 -24.47 -18.58 -10.26
C GLY A 85 -23.16 -18.12 -10.84
N GLN A 86 -23.17 -17.03 -11.60
CA GLN A 86 -21.98 -16.51 -12.26
C GLN A 86 -21.16 -15.68 -11.28
N PRO A 87 -19.87 -15.49 -11.57
CA PRO A 87 -19.07 -14.55 -10.77
C PRO A 87 -19.51 -13.12 -11.03
N TYR A 88 -19.33 -12.27 -10.02
CA TYR A 88 -19.71 -10.88 -10.15
C TYR A 88 -18.85 -10.17 -11.19
N ASP A 89 -19.48 -9.23 -11.91
CA ASP A 89 -18.73 -8.39 -12.82
C ASP A 89 -18.03 -7.25 -12.09
N ALA A 90 -18.55 -6.84 -10.95
CA ALA A 90 -17.93 -5.79 -10.14
C ALA A 90 -18.55 -5.80 -8.75
N VAL A 91 -17.71 -5.56 -7.74
CA VAL A 91 -18.15 -5.39 -6.36
C VAL A 91 -17.96 -3.93 -6.00
N PHE A 92 -19.04 -3.30 -5.52
CA PHE A 92 -19.01 -1.87 -5.19
C PHE A 92 -19.05 -1.69 -3.68
N PRO A 93 -17.91 -1.50 -3.02
CA PRO A 93 -17.94 -1.25 -1.57
C PRO A 93 -18.32 0.20 -1.27
N LEU A 94 -19.16 0.35 -0.25
CA LEU A 94 -19.58 1.67 0.20
C LEU A 94 -19.24 1.86 1.68
N LEU A 95 -18.02 1.51 2.05
CA LEU A 95 -17.56 1.60 3.42
C LEU A 95 -16.71 2.84 3.63
N HIS A 96 -16.78 3.40 4.84
CA HIS A 96 -16.07 4.61 5.20
C HIS A 96 -15.19 4.37 6.42
N GLY A 97 -14.11 5.14 6.51
CA GLY A 97 -13.23 5.10 7.66
C GLY A 97 -12.34 3.88 7.70
N PRO A 98 -11.76 3.60 8.86
CA PRO A 98 -10.95 2.39 9.01
C PRO A 98 -11.79 1.13 8.79
N ASN A 99 -11.11 0.06 8.40
CA ASN A 99 -11.72 -1.21 8.01
C ASN A 99 -12.59 -1.08 6.78
N GLY A 100 -12.52 0.04 6.07
CA GLY A 100 -13.35 0.25 4.89
C GLY A 100 -12.58 0.89 3.73
N GLU A 101 -11.91 1.99 4.01
CA GLU A 101 -11.11 2.69 3.00
C GLU A 101 -9.63 2.75 3.40
N ASP A 102 -9.18 1.78 4.20
CA ASP A 102 -7.79 1.70 4.62
C ASP A 102 -7.00 0.66 3.83
N GLY A 103 -7.63 -0.02 2.88
CA GLY A 103 -6.95 -0.99 2.05
C GLY A 103 -7.09 -2.43 2.50
N THR A 104 -7.69 -2.68 3.67
CA THR A 104 -7.80 -4.05 4.16
C THR A 104 -8.78 -4.87 3.33
N ILE A 105 -10.01 -4.36 3.16
CA ILE A 105 -11.00 -5.10 2.39
C ILE A 105 -10.60 -5.16 0.91
N GLN A 106 -9.86 -4.15 0.44
CA GLN A 106 -9.32 -4.22 -0.92
C GLN A 106 -8.32 -5.36 -1.05
N GLY A 107 -7.49 -5.56 -0.02
CA GLY A 107 -6.59 -6.70 -0.03
C GLY A 107 -7.33 -8.02 -0.01
N LEU A 108 -8.44 -8.08 0.71
CA LEU A 108 -9.30 -9.27 0.67
C LEU A 108 -9.83 -9.50 -0.74
N PHE A 109 -10.26 -8.44 -1.41
CA PHE A 109 -10.74 -8.58 -2.78
C PHE A 109 -9.65 -9.10 -3.71
N GLU A 110 -8.41 -8.65 -3.50
CA GLU A 110 -7.32 -9.06 -4.39
C GLU A 110 -6.98 -10.53 -4.21
N VAL A 111 -6.97 -11.02 -2.96
CA VAL A 111 -6.66 -12.42 -2.71
C VAL A 111 -7.74 -13.31 -3.31
N LEU A 112 -9.00 -12.90 -3.22
CA LEU A 112 -10.11 -13.67 -3.77
C LEU A 112 -10.34 -13.41 -5.25
N ASP A 113 -9.59 -12.48 -5.85
CA ASP A 113 -9.62 -12.24 -7.30
C ASP A 113 -11.00 -11.79 -7.78
N VAL A 114 -11.65 -10.94 -6.99
CA VAL A 114 -12.94 -10.37 -7.39
C VAL A 114 -12.72 -8.95 -7.88
N PRO A 115 -13.38 -8.53 -8.96
CA PRO A 115 -13.27 -7.13 -9.41
C PRO A 115 -14.04 -6.21 -8.49
N TYR A 116 -13.48 -5.03 -8.23
CA TYR A 116 -14.09 -4.09 -7.31
C TYR A 116 -13.92 -2.66 -7.81
N VAL A 117 -14.83 -1.79 -7.36
CA VAL A 117 -14.86 -0.39 -7.75
C VAL A 117 -13.98 0.41 -6.79
N GLY A 118 -13.30 1.42 -7.33
CA GLY A 118 -12.59 2.36 -6.49
C GLY A 118 -11.10 2.13 -6.39
N ASN A 119 -10.51 2.58 -5.28
CA ASN A 119 -9.07 2.56 -5.10
C ASN A 119 -8.60 1.19 -4.62
N GLY A 120 -7.33 0.90 -4.90
CA GLY A 120 -6.72 -0.37 -4.55
C GLY A 120 -6.03 -0.33 -3.21
N VAL A 121 -5.19 -1.35 -2.97
CA VAL A 121 -4.52 -1.50 -1.68
C VAL A 121 -3.58 -0.33 -1.43
N LEU A 122 -2.69 -0.05 -2.38
CA LEU A 122 -1.68 0.98 -2.19
C LEU A 122 -2.31 2.36 -2.06
N SER A 123 -3.21 2.70 -2.98
CA SER A 123 -3.79 4.04 -3.01
C SER A 123 -4.65 4.30 -1.77
N ALA A 124 -5.43 3.32 -1.36
CA ALA A 124 -6.26 3.49 -0.17
C ALA A 124 -5.42 3.64 1.09
N ALA A 125 -4.37 2.83 1.22
CA ALA A 125 -3.55 2.87 2.44
C ALA A 125 -2.68 4.12 2.48
N SER A 126 -2.17 4.56 1.33
CA SER A 126 -1.29 5.73 1.30
C SER A 126 -2.07 7.03 1.48
N SER A 127 -3.31 7.09 0.97
CA SER A 127 -4.15 8.26 1.19
C SER A 127 -4.74 8.31 2.58
N MET A 128 -4.82 7.16 3.26
CA MET A 128 -5.32 7.15 4.64
C MET A 128 -4.28 7.70 5.60
N ASP A 129 -3.04 7.24 5.48
CA ASP A 129 -1.95 7.67 6.36
C ASP A 129 -1.59 9.12 6.03
N LYS A 130 -1.83 10.01 6.99
CA LYS A 130 -1.62 11.45 6.77
C LYS A 130 -0.17 11.75 6.39
N LEU A 131 0.78 11.10 7.05
CA LEU A 131 2.19 11.42 6.80
C LEU A 131 2.62 10.97 5.42
N VAL A 132 2.35 9.71 5.07
CA VAL A 132 2.71 9.21 3.74
C VAL A 132 2.04 10.04 2.65
N MET A 133 0.77 10.41 2.88
CA MET A 133 0.04 11.22 1.91
C MET A 133 0.75 12.53 1.65
N LYS A 134 1.17 13.22 2.72
CA LYS A 134 1.86 14.50 2.56
C LYS A 134 3.22 14.34 1.92
N GLN A 135 3.92 13.23 2.21
CA GLN A 135 5.24 13.02 1.65
C GLN A 135 5.18 12.76 0.14
N LEU A 136 4.12 12.07 -0.32
CA LEU A 136 3.95 11.87 -1.75
C LEU A 136 3.49 13.15 -2.44
N PHE A 137 2.68 13.97 -1.77
CA PHE A 137 2.29 15.25 -2.34
C PHE A 137 3.49 16.18 -2.48
N GLU A 138 4.39 16.16 -1.49
CA GLU A 138 5.55 17.05 -1.52
C GLU A 138 6.51 16.68 -2.64
N HIS A 139 6.68 15.37 -2.89
CA HIS A 139 7.53 14.94 -4.00
C HIS A 139 6.98 15.39 -5.35
N ARG A 140 5.65 15.43 -5.48
CA ARG A 140 5.02 15.89 -6.71
C ARG A 140 5.11 17.40 -6.87
N GLY A 141 5.44 18.14 -5.82
CA GLY A 141 5.52 19.59 -5.89
C GLY A 141 4.26 20.32 -5.51
N LEU A 142 3.32 19.65 -4.84
CA LEU A 142 2.07 20.27 -4.45
C LEU A 142 2.28 21.12 -3.19
N PRO A 143 1.70 22.33 -3.15
CA PRO A 143 1.88 23.18 -1.98
C PRO A 143 1.10 22.67 -0.77
N GLN A 144 1.74 22.72 0.39
CA GLN A 144 1.13 22.27 1.63
C GLN A 144 1.53 23.21 2.76
N LEU A 145 0.66 23.30 3.77
CA LEU A 145 0.96 24.11 4.94
C LEU A 145 2.14 23.52 5.70
N PRO A 146 2.91 24.36 6.39
CA PRO A 146 4.01 23.83 7.22
C PRO A 146 3.49 22.87 8.28
N TYR A 147 4.22 21.78 8.48
CA TYR A 147 3.78 20.75 9.42
C TYR A 147 4.99 20.02 9.99
N ILE A 148 4.74 19.33 11.11
CA ILE A 148 5.73 18.50 11.77
C ILE A 148 5.08 17.15 12.08
N SER A 149 5.89 16.09 12.08
CA SER A 149 5.40 14.75 12.37
C SER A 149 6.40 14.01 13.25
N PHE A 150 5.88 13.13 14.10
CA PHE A 150 6.72 12.36 15.01
C PHE A 150 5.92 11.17 15.53
N LEU A 151 6.64 10.23 16.15
CA LEU A 151 6.06 9.00 16.67
C LEU A 151 5.80 9.11 18.16
N ARG A 152 4.94 8.21 18.67
CA ARG A 152 4.68 8.18 20.10
C ARG A 152 5.92 7.80 20.88
N SER A 153 6.73 6.89 20.34
CA SER A 153 7.97 6.50 21.01
C SER A 153 8.92 7.69 21.12
N GLU A 154 9.00 8.51 20.08
CA GLU A 154 9.88 9.66 20.11
C GLU A 154 9.39 10.73 21.08
N TYR A 155 8.07 10.87 21.22
CA TYR A 155 7.53 11.91 22.09
C TYR A 155 7.72 11.58 23.57
N GLU A 156 7.71 10.29 23.92
CA GLU A 156 7.92 9.92 25.32
C GLU A 156 9.30 10.33 25.81
N LYS A 157 10.26 10.47 24.90
CA LYS A 157 11.64 10.81 25.25
C LYS A 157 12.01 12.25 24.91
N TYR A 158 11.49 12.80 23.82
CA TYR A 158 11.94 14.09 23.31
C TYR A 158 10.81 15.10 23.27
N GLU A 159 9.91 15.07 24.26
CA GLU A 159 8.80 16.01 24.30
C GLU A 159 9.29 17.45 24.30
N HIS A 160 10.36 17.73 25.04
CA HIS A 160 10.88 19.08 25.14
C HIS A 160 11.39 19.59 23.79
N ASN A 161 12.18 18.76 23.10
CA ASN A 161 12.73 19.18 21.81
C ASN A 161 11.65 19.23 20.73
N ILE A 162 10.65 18.36 20.81
CA ILE A 162 9.58 18.37 19.82
C ILE A 162 8.73 19.63 19.96
N LEU A 163 8.40 20.01 21.19
CA LEU A 163 7.61 21.21 21.41
C LEU A 163 8.37 22.47 21.02
N LYS A 164 9.69 22.48 21.19
CA LYS A 164 10.48 23.65 20.80
C LYS A 164 10.47 23.83 19.29
N LEU A 165 10.50 22.72 18.53
CA LEU A 165 10.45 22.82 17.07
C LEU A 165 9.08 23.31 16.61
N VAL A 166 8.01 22.87 17.26
CA VAL A 166 6.67 23.34 16.92
C VAL A 166 6.56 24.84 17.13
N ASN A 167 7.07 25.33 18.26
CA ASN A 167 6.95 26.74 18.57
C ASN A 167 7.70 27.62 17.59
N ASP A 168 8.82 27.12 17.05
CA ASP A 168 9.63 27.90 16.11
C ASP A 168 9.13 27.82 14.68
N LYS A 169 8.72 26.63 14.22
CA LYS A 169 8.37 26.45 12.82
C LYS A 169 6.92 26.83 12.52
N LEU A 170 6.04 26.69 13.50
CA LEU A 170 4.61 26.91 13.29
C LEU A 170 4.14 28.15 14.05
N ASN A 171 2.95 28.62 13.67
CA ASN A 171 2.31 29.75 14.32
C ASN A 171 0.91 29.32 14.77
N TYR A 172 0.52 29.80 15.95
CA TYR A 172 -0.79 29.44 16.49
C TYR A 172 -1.90 30.17 15.75
N PRO A 173 -3.08 29.53 15.60
CA PRO A 173 -3.41 28.19 16.10
C PRO A 173 -2.84 27.07 15.23
N VAL A 174 -2.69 25.87 15.82
CA VAL A 174 -2.21 24.70 15.11
C VAL A 174 -3.24 23.59 15.26
N PHE A 175 -3.15 22.60 14.37
CA PHE A 175 -4.06 21.47 14.35
C PHE A 175 -3.29 20.18 14.53
N VAL A 176 -3.73 19.37 15.50
CA VAL A 176 -3.14 18.05 15.76
C VAL A 176 -4.06 16.99 15.17
N LYS A 177 -3.49 16.09 14.36
CA LYS A 177 -4.27 15.07 13.67
C LYS A 177 -3.60 13.71 13.81
N PRO A 178 -4.33 12.68 14.21
CA PRO A 178 -3.77 11.32 14.14
C PRO A 178 -3.51 10.91 12.71
N ALA A 179 -2.52 10.04 12.53
CA ALA A 179 -2.10 9.69 11.17
C ALA A 179 -3.08 8.74 10.51
N ASN A 180 -3.61 7.76 11.26
CA ASN A 180 -4.44 6.70 10.70
C ASN A 180 -5.69 6.52 11.56
N LEU A 181 -6.63 7.47 11.46
CA LEU A 181 -7.92 7.36 12.11
C LEU A 181 -9.01 7.82 11.14
N GLY A 182 -10.26 7.78 11.62
CA GLY A 182 -11.39 8.13 10.81
C GLY A 182 -11.53 9.62 10.61
N SER A 183 -12.67 10.00 10.02
CA SER A 183 -12.93 11.41 9.72
C SER A 183 -13.19 12.18 11.01
N SER A 184 -12.37 13.22 11.24
CA SER A 184 -12.52 14.12 12.39
C SER A 184 -12.40 13.37 13.72
N VAL A 185 -11.69 12.26 13.74
CA VAL A 185 -11.48 11.46 14.95
C VAL A 185 -10.14 11.86 15.54
N GLY A 186 -10.17 12.49 16.70
CA GLY A 186 -8.95 12.88 17.38
C GLY A 186 -8.30 14.14 16.86
N ILE A 187 -8.99 14.94 16.07
CA ILE A 187 -8.45 16.18 15.54
C ILE A 187 -8.82 17.31 16.49
N SER A 188 -7.83 18.13 16.86
CA SER A 188 -8.02 19.20 17.83
C SER A 188 -7.37 20.48 17.33
N LYS A 189 -8.12 21.58 17.39
CA LYS A 189 -7.58 22.91 17.16
C LYS A 189 -7.01 23.44 18.47
N CYS A 190 -5.74 23.82 18.46
CA CYS A 190 -5.01 24.21 19.66
C CYS A 190 -4.66 25.69 19.59
N ASN A 191 -5.18 26.46 20.54
CA ASN A 191 -4.99 27.90 20.56
C ASN A 191 -3.83 28.37 21.45
N ASN A 192 -3.24 27.46 22.22
CA ASN A 192 -2.03 27.78 22.97
C ASN A 192 -1.25 26.49 23.20
N GLU A 193 -0.09 26.61 23.84
CA GLU A 193 0.76 25.44 24.05
C GLU A 193 0.12 24.45 25.01
N ALA A 194 -0.63 24.93 25.99
CA ALA A 194 -1.32 24.03 26.92
C ALA A 194 -2.30 23.13 26.17
N GLU A 195 -3.08 23.73 25.25
CA GLU A 195 -4.00 22.94 24.44
C GLU A 195 -3.26 22.06 23.45
N LEU A 196 -2.04 22.45 23.06
CA LEU A 196 -1.25 21.63 22.15
C LEU A 196 -0.85 20.31 22.81
N LYS A 197 -0.36 20.38 24.05
CA LYS A 197 0.07 19.17 24.74
C LYS A 197 -1.12 18.27 25.06
N GLU A 198 -2.25 18.86 25.43
CA GLU A 198 -3.46 18.08 25.66
C GLU A 198 -3.95 17.42 24.38
N GLY A 199 -3.80 18.11 23.24
CA GLY A 199 -4.19 17.52 21.98
C GLY A 199 -3.30 16.38 21.56
N ILE A 200 -2.00 16.47 21.86
CA ILE A 200 -1.08 15.40 21.55
C ILE A 200 -1.40 14.16 22.39
N LYS A 201 -1.72 14.36 23.66
CA LYS A 201 -2.05 13.23 24.52
C LYS A 201 -3.36 12.56 24.09
N GLU A 202 -4.31 13.35 23.58
CA GLU A 202 -5.58 12.77 23.15
C GLU A 202 -5.41 11.92 21.90
N ALA A 203 -4.62 12.39 20.95
CA ALA A 203 -4.45 11.66 19.69
C ALA A 203 -3.51 10.48 19.82
N PHE A 204 -2.57 10.52 20.77
CA PHE A 204 -1.69 9.39 21.02
C PHE A 204 -2.37 8.27 21.82
N GLN A 205 -3.55 8.53 22.38
CA GLN A 205 -4.29 7.50 23.10
C GLN A 205 -4.85 6.43 22.18
N PHE A 206 -4.90 6.68 20.87
CA PHE A 206 -5.40 5.71 19.91
C PHE A 206 -4.52 5.55 18.68
N ASP A 207 -3.38 6.22 18.61
CA ASP A 207 -2.51 6.12 17.45
C ASP A 207 -1.06 6.31 17.90
N ARG A 208 -0.15 5.79 17.08
CA ARG A 208 1.28 5.84 17.35
C ARG A 208 2.02 6.87 16.50
N LYS A 209 1.32 7.56 15.60
CA LYS A 209 1.94 8.53 14.70
C LYS A 209 1.07 9.77 14.62
N LEU A 210 1.71 10.94 14.57
CA LEU A 210 1.01 12.21 14.66
C LEU A 210 1.51 13.19 13.61
N VAL A 211 0.62 14.10 13.21
CA VAL A 211 0.98 15.26 12.41
C VAL A 211 0.43 16.50 13.11
N ILE A 212 1.16 17.60 13.02
CA ILE A 212 0.74 18.89 13.57
C ILE A 212 0.89 19.92 12.47
N GLU A 213 -0.22 20.57 12.09
CA GLU A 213 -0.25 21.48 10.97
C GLU A 213 -0.35 22.93 11.42
N GLN A 214 0.24 23.81 10.62
CA GLN A 214 0.02 25.24 10.77
C GLN A 214 -1.43 25.59 10.42
N GLY A 215 -2.09 26.34 11.30
CA GLY A 215 -3.44 26.75 11.02
C GLY A 215 -3.50 27.83 9.96
N VAL A 216 -4.60 27.84 9.21
CA VAL A 216 -4.78 28.78 8.11
C VAL A 216 -6.22 29.26 8.10
N ASN A 217 -6.41 30.51 7.70
CA ASN A 217 -7.73 31.09 7.49
C ASN A 217 -8.02 31.05 5.99
N ALA A 218 -8.92 30.18 5.58
CA ALA A 218 -9.13 29.93 4.17
C ALA A 218 -10.51 29.33 3.94
N ARG A 219 -10.92 29.30 2.67
CA ARG A 219 -12.11 28.58 2.25
C ARG A 219 -11.74 27.15 1.89
N GLU A 220 -12.69 26.24 2.06
CA GLU A 220 -12.48 24.83 1.78
C GLU A 220 -13.06 24.51 0.41
N ILE A 221 -12.18 24.24 -0.55
CA ILE A 221 -12.56 23.96 -1.93
C ILE A 221 -12.23 22.51 -2.24
N GLU A 222 -13.13 21.85 -2.97
CA GLU A 222 -13.01 20.43 -3.27
C GLU A 222 -13.21 20.19 -4.76
N VAL A 223 -12.47 19.21 -5.29
CA VAL A 223 -12.51 18.84 -6.70
C VAL A 223 -12.68 17.34 -6.82
N ALA A 224 -13.54 16.91 -7.73
CA ALA A 224 -13.85 15.50 -7.93
C ALA A 224 -13.14 14.97 -9.15
N VAL A 225 -12.55 13.78 -9.04
CA VAL A 225 -11.79 13.14 -10.11
C VAL A 225 -12.39 11.78 -10.38
N LEU A 226 -12.43 11.40 -11.66
CA LEU A 226 -13.04 10.14 -12.10
C LEU A 226 -12.22 9.54 -13.22
N GLY A 227 -11.83 8.27 -13.06
CA GLY A 227 -11.11 7.57 -14.10
C GLY A 227 -10.03 6.64 -13.59
N ASN A 228 -9.36 5.94 -14.51
CA ASN A 228 -8.24 5.07 -14.13
C ASN A 228 -6.93 5.64 -14.65
N ASP A 229 -6.65 5.48 -15.94
CA ASP A 229 -5.39 5.92 -16.52
C ASP A 229 -5.47 7.30 -17.16
N TYR A 230 -6.66 7.78 -17.49
CA TYR A 230 -6.86 9.12 -18.05
C TYR A 230 -7.96 9.83 -17.27
N PRO A 231 -7.68 10.21 -16.02
CA PRO A 231 -8.74 10.77 -15.17
C PRO A 231 -9.12 12.19 -15.58
N GLU A 232 -10.37 12.53 -15.31
CA GLU A 232 -10.90 13.87 -15.55
C GLU A 232 -11.31 14.50 -14.24
N ALA A 233 -11.16 15.83 -14.16
CA ALA A 233 -11.49 16.59 -12.96
C ALA A 233 -12.63 17.56 -13.26
N THR A 234 -13.41 17.85 -12.23
CA THR A 234 -14.55 18.75 -12.35
C THR A 234 -14.14 20.18 -12.01
N TRP A 235 -15.05 21.10 -12.26
CA TRP A 235 -14.91 22.45 -11.72
C TRP A 235 -15.05 22.39 -10.20
N PRO A 236 -14.31 23.24 -9.49
CA PRO A 236 -14.28 23.14 -8.02
C PRO A 236 -15.58 23.58 -7.37
N GLY A 237 -15.81 23.06 -6.16
CA GLY A 237 -16.93 23.49 -5.34
C GLY A 237 -16.46 23.80 -3.93
N GLU A 238 -17.31 24.49 -3.18
CA GLU A 238 -16.97 24.92 -1.83
C GLU A 238 -17.98 24.39 -0.82
N VAL A 239 -17.48 24.08 0.37
CA VAL A 239 -18.30 23.64 1.49
C VAL A 239 -18.55 24.87 2.36
N VAL A 240 -19.70 25.51 2.18
CA VAL A 240 -20.05 26.69 2.96
C VAL A 240 -20.50 26.28 4.36
N VAL A 257 -24.31 20.83 6.46
CA VAL A 257 -23.32 21.25 5.47
C VAL A 257 -24.01 21.73 4.20
N GLN A 258 -23.69 22.96 3.79
CA GLN A 258 -24.23 23.56 2.58
C GLN A 258 -23.14 23.66 1.53
N LEU A 259 -23.50 23.38 0.28
CA LEU A 259 -22.57 23.36 -0.83
C LEU A 259 -22.82 24.55 -1.76
N GLN A 260 -21.76 24.93 -2.49
CA GLN A 260 -21.85 25.96 -3.52
C GLN A 260 -21.09 25.46 -4.73
N ILE A 261 -21.83 25.10 -5.79
CA ILE A 261 -21.26 24.47 -6.97
C ILE A 261 -21.76 25.21 -8.20
N PRO A 262 -20.88 25.79 -9.03
CA PRO A 262 -19.43 25.80 -8.79
C PRO A 262 -19.02 26.88 -7.79
N ALA A 263 -17.81 26.77 -7.25
CA ALA A 263 -17.32 27.76 -6.31
C ALA A 263 -16.99 29.07 -7.03
N ASP A 264 -17.13 30.18 -6.30
CA ASP A 264 -16.81 31.49 -6.84
C ASP A 264 -15.31 31.72 -6.69
N LEU A 265 -14.57 31.52 -7.78
CA LEU A 265 -13.11 31.64 -7.77
C LEU A 265 -12.66 32.39 -9.01
N ASP A 266 -11.46 32.95 -8.93
CA ASP A 266 -10.83 33.50 -10.12
C ASP A 266 -10.54 32.40 -11.13
N GLU A 267 -10.50 32.77 -12.41
CA GLU A 267 -10.37 31.77 -13.46
C GLU A 267 -9.04 31.03 -13.38
N ASP A 268 -7.96 31.73 -13.01
CA ASP A 268 -6.66 31.09 -12.92
C ASP A 268 -6.60 30.13 -11.73
N VAL A 269 -7.35 30.40 -10.67
CA VAL A 269 -7.38 29.51 -9.53
C VAL A 269 -8.19 28.25 -9.85
N GLN A 270 -9.27 28.40 -10.61
CA GLN A 270 -10.07 27.24 -11.00
C GLN A 270 -9.25 26.25 -11.82
N LEU A 271 -8.46 26.75 -12.77
CA LEU A 271 -7.66 25.84 -13.60
C LEU A 271 -6.48 25.26 -12.83
N THR A 272 -5.90 26.03 -11.91
CA THR A 272 -4.82 25.50 -11.09
C THR A 272 -5.29 24.35 -10.21
N LEU A 273 -6.50 24.48 -9.64
CA LEU A 273 -7.02 23.45 -8.75
C LEU A 273 -7.34 22.16 -9.50
N ARG A 274 -7.89 22.28 -10.71
CA ARG A 274 -8.20 21.08 -11.49
C ARG A 274 -6.93 20.32 -11.85
N ASN A 275 -5.87 21.03 -12.22
CA ASN A 275 -4.61 20.37 -12.54
C ASN A 275 -3.98 19.76 -11.28
N MET A 276 -4.08 20.44 -10.14
CA MET A 276 -3.52 19.90 -8.92
C MET A 276 -4.27 18.64 -8.47
N ALA A 277 -5.59 18.60 -8.69
CA ALA A 277 -6.35 17.41 -8.35
C ALA A 277 -5.90 16.22 -9.18
N LEU A 278 -5.57 16.45 -10.45
CA LEU A 278 -5.03 15.38 -11.28
C LEU A 278 -3.66 14.94 -10.78
N GLU A 279 -2.85 15.89 -10.32
CA GLU A 279 -1.53 15.55 -9.78
C GLU A 279 -1.65 14.75 -8.48
N ALA A 280 -2.60 15.11 -7.62
CA ALA A 280 -2.79 14.37 -6.38
C ALA A 280 -3.33 12.97 -6.64
N PHE A 281 -4.19 12.83 -7.66
CA PHE A 281 -4.68 11.51 -8.06
C PHE A 281 -3.53 10.60 -8.46
N LYS A 282 -2.58 11.11 -9.23
CA LYS A 282 -1.45 10.31 -9.68
C LYS A 282 -0.43 10.09 -8.58
N ALA A 283 -0.32 11.02 -7.63
CA ALA A 283 0.70 10.92 -6.59
C ALA A 283 0.49 9.69 -5.72
N THR A 284 -0.78 9.33 -5.46
CA THR A 284 -1.10 8.16 -4.67
C THR A 284 -1.52 6.97 -5.52
N ASP A 285 -1.33 7.05 -6.83
CA ASP A 285 -1.65 5.95 -7.76
C ASP A 285 -3.10 5.50 -7.60
N CYS A 286 -4.01 6.47 -7.68
CA CYS A 286 -5.42 6.18 -7.46
C CYS A 286 -6.01 5.45 -8.65
N SER A 287 -7.18 4.85 -8.42
CA SER A 287 -7.98 4.24 -9.47
C SER A 287 -9.45 4.45 -9.17
N GLY A 288 -10.24 4.67 -10.22
CA GLY A 288 -11.66 4.85 -10.05
C GLY A 288 -12.08 6.28 -9.75
N LEU A 289 -11.73 6.78 -8.56
CA LEU A 289 -12.22 8.09 -8.14
C LEU A 289 -11.32 8.62 -7.02
N VAL A 290 -11.41 9.93 -6.79
CA VAL A 290 -10.83 10.57 -5.63
C VAL A 290 -11.43 11.96 -5.52
N ARG A 291 -11.41 12.53 -4.32
CA ARG A 291 -11.83 13.90 -4.09
C ARG A 291 -10.67 14.64 -3.43
N ALA A 292 -10.19 15.69 -4.09
CA ALA A 292 -9.08 16.49 -3.59
C ALA A 292 -9.64 17.72 -2.88
N ASP A 293 -9.28 17.87 -1.60
CA ASP A 293 -9.73 18.98 -0.77
C ASP A 293 -8.59 19.97 -0.59
N PHE A 294 -8.87 21.25 -0.82
CA PHE A 294 -7.87 22.30 -0.78
C PHE A 294 -8.25 23.39 0.23
N PHE A 295 -7.24 24.16 0.62
CA PHE A 295 -7.42 25.42 1.34
C PHE A 295 -7.07 26.56 0.39
N VAL A 296 -7.98 27.53 0.27
CA VAL A 296 -7.76 28.71 -0.57
C VAL A 296 -8.00 29.94 0.28
N THR A 297 -6.98 30.77 0.43
CA THR A 297 -7.06 31.96 1.27
C THR A 297 -7.71 33.11 0.52
N GLU A 298 -7.85 34.25 1.20
CA GLU A 298 -8.48 35.42 0.58
C GLU A 298 -7.63 35.99 -0.55
N ASP A 299 -6.31 35.89 -0.45
CA ASP A 299 -5.42 36.36 -1.50
C ASP A 299 -5.02 35.25 -2.48
N ASN A 300 -5.82 34.19 -2.58
CA ASN A 300 -5.68 33.13 -3.58
C ASN A 300 -4.43 32.29 -3.37
N GLN A 301 -4.00 32.09 -2.13
CA GLN A 301 -2.98 31.11 -1.83
C GLN A 301 -3.62 29.72 -1.76
N ILE A 302 -2.94 28.73 -2.33
CA ILE A 302 -3.49 27.39 -2.48
C ILE A 302 -2.62 26.40 -1.72
N TYR A 303 -3.27 25.55 -0.92
CA TYR A 303 -2.64 24.42 -0.25
C TYR A 303 -3.56 23.23 -0.35
N ILE A 304 -3.00 22.05 -0.58
CA ILE A 304 -3.79 20.83 -0.61
C ILE A 304 -3.87 20.26 0.80
N ASN A 305 -5.09 19.91 1.21
CA ASN A 305 -5.32 19.37 2.55
C ASN A 305 -5.19 17.85 2.57
N GLU A 306 -6.02 17.17 1.79
CA GLU A 306 -5.98 15.71 1.71
C GLU A 306 -6.78 15.27 0.50
N THR A 307 -6.61 14.00 0.14
CA THR A 307 -7.46 13.33 -0.83
C THR A 307 -8.30 12.28 -0.09
N ASN A 308 -9.49 12.02 -0.62
CA ASN A 308 -10.43 11.09 0.00
C ASN A 308 -10.63 9.91 -0.94
N ALA A 309 -10.20 8.73 -0.50
CA ALA A 309 -10.28 7.54 -1.35
C ALA A 309 -11.72 7.13 -1.60
N MET A 310 -12.57 7.22 -0.59
CA MET A 310 -14.00 6.98 -0.73
C MET A 310 -14.75 8.16 -0.12
N PRO A 311 -14.98 9.21 -0.90
CA PRO A 311 -15.70 10.37 -0.37
C PRO A 311 -17.18 10.07 -0.21
N GLY A 312 -17.88 10.99 0.43
CA GLY A 312 -19.32 10.88 0.59
C GLY A 312 -20.01 10.66 -0.74
N PHE A 313 -20.90 9.67 -0.81
CA PHE A 313 -21.47 9.24 -2.08
C PHE A 313 -22.99 9.18 -2.04
N THR A 314 -23.62 9.88 -1.09
CA THR A 314 -25.07 9.99 -1.13
C THR A 314 -25.49 10.86 -2.32
N ALA A 315 -26.80 10.87 -2.59
CA ALA A 315 -27.30 11.62 -3.73
C ALA A 315 -27.08 13.12 -3.58
N PHE A 316 -26.82 13.60 -2.37
CA PHE A 316 -26.63 15.02 -2.12
C PHE A 316 -25.21 15.36 -1.65
N SER A 317 -24.29 14.39 -1.71
CA SER A 317 -22.93 14.64 -1.29
C SER A 317 -22.19 15.48 -2.32
N MET A 318 -21.00 15.95 -1.94
CA MET A 318 -20.24 16.86 -2.80
C MET A 318 -19.73 16.15 -4.06
N TYR A 319 -19.20 14.93 -3.92
CA TYR A 319 -18.62 14.25 -5.07
C TYR A 319 -19.64 14.02 -6.19
N PRO A 320 -20.83 13.46 -5.93
CA PRO A 320 -21.79 13.30 -7.04
C PRO A 320 -22.32 14.63 -7.56
N LYS A 321 -22.51 15.62 -6.68
CA LYS A 321 -23.03 16.90 -7.13
C LYS A 321 -22.01 17.65 -8.00
N LEU A 322 -20.72 17.47 -7.72
CA LEU A 322 -19.70 18.09 -8.56
C LEU A 322 -19.76 17.57 -9.99
N TRP A 323 -20.09 16.28 -10.16
CA TRP A 323 -20.19 15.72 -11.49
C TRP A 323 -21.52 16.06 -12.16
N GLU A 324 -22.58 16.22 -11.38
CA GLU A 324 -23.85 16.66 -11.95
C GLU A 324 -23.71 18.04 -12.60
N ASN A 325 -22.85 18.90 -12.03
CA ASN A 325 -22.59 20.19 -12.64
C ASN A 325 -21.86 20.03 -13.98
N MET A 326 -21.12 18.94 -14.16
CA MET A 326 -20.44 18.65 -15.41
C MET A 326 -21.34 17.92 -16.40
N GLY A 327 -22.59 17.63 -16.04
CA GLY A 327 -23.51 16.94 -16.92
C GLY A 327 -23.60 15.45 -16.73
N LEU A 328 -22.99 14.90 -15.68
CA LEU A 328 -23.00 13.46 -15.42
C LEU A 328 -23.98 13.18 -14.28
N SER A 329 -25.06 12.47 -14.59
CA SER A 329 -26.09 12.21 -13.60
C SER A 329 -25.65 11.12 -12.63
N TYR A 330 -26.35 11.03 -11.51
CA TYR A 330 -26.01 10.07 -10.47
C TYR A 330 -26.05 8.62 -10.96
N PRO A 331 -27.08 8.17 -11.68
CA PRO A 331 -27.03 6.80 -12.20
C PRO A 331 -25.92 6.59 -13.22
N GLU A 332 -25.61 7.59 -14.05
CA GLU A 332 -24.52 7.45 -15.01
C GLU A 332 -23.18 7.39 -14.31
N LEU A 333 -23.03 8.13 -13.20
CA LEU A 333 -21.77 8.07 -12.44
C LEU A 333 -21.56 6.69 -11.84
N ILE A 334 -22.63 6.06 -11.35
CA ILE A 334 -22.52 4.71 -10.81
C ILE A 334 -22.11 3.72 -11.90
N THR A 335 -22.70 3.86 -13.09
CA THR A 335 -22.35 2.96 -14.19
C THR A 335 -20.91 3.16 -14.64
N LYS A 336 -20.44 4.41 -14.66
CA LYS A 336 -19.07 4.67 -15.09
C LYS A 336 -18.06 4.05 -14.13
N LEU A 337 -18.34 4.10 -12.83
CA LEU A 337 -17.45 3.49 -11.85
C LEU A 337 -17.42 1.98 -12.00
N ILE A 338 -18.56 1.38 -12.34
CA ILE A 338 -18.59 -0.07 -12.56
C ILE A 338 -17.76 -0.45 -13.78
N GLU A 339 -17.87 0.34 -14.86
CA GLU A 339 -17.08 0.06 -16.05
C GLU A 339 -15.59 0.24 -15.80
N LEU A 340 -15.22 1.19 -14.94
CA LEU A 340 -13.82 1.36 -14.59
C LEU A 340 -13.30 0.17 -13.78
N ALA A 341 -14.15 -0.39 -12.91
CA ALA A 341 -13.77 -1.56 -12.14
C ALA A 341 -13.47 -2.74 -13.05
N LYS A 342 -14.29 -2.93 -14.10
CA LYS A 342 -14.05 -4.02 -15.04
C LYS A 342 -12.77 -3.81 -15.82
N GLU A 343 -12.51 -2.56 -16.25
CA GLU A 343 -11.30 -2.29 -17.03
C GLU A 343 -10.04 -2.52 -16.21
N ARG A 344 -10.03 -2.09 -14.94
CA ARG A 344 -8.87 -2.29 -14.10
C ARG A 344 -8.62 -3.78 -13.85
N HIS A 345 -9.69 -4.56 -13.69
CA HIS A 345 -9.53 -5.99 -13.46
C HIS A 345 -8.98 -6.69 -14.70
N GLN A 346 -9.49 -6.33 -15.88
CA GLN A 346 -8.99 -6.95 -17.12
C GLN A 346 -7.52 -6.64 -17.36
N ASP A 347 -7.12 -5.39 -17.11
CA ASP A 347 -5.73 -5.00 -17.31
C ASP A 347 -4.80 -5.67 -16.30
N LYS A 348 -5.34 -6.19 -15.20
CA LYS A 348 -4.52 -6.91 -14.24
C LYS A 348 -4.26 -8.34 -14.68
N GLN A 349 -5.21 -8.96 -15.38
CA GLN A 349 -5.05 -10.35 -15.80
C GLN A 349 -3.94 -10.51 -16.82
N LYS A 350 -3.69 -9.49 -17.64
CA LYS A 350 -2.66 -9.59 -18.66
C LYS A 350 -1.24 -9.52 -18.09
N ASN A 351 -1.09 -9.39 -16.77
CA ASN A 351 0.21 -9.49 -16.14
C ASN A 351 0.63 -10.95 -16.00
N LYS A 352 1.89 -11.23 -16.29
CA LYS A 352 2.41 -12.58 -16.14
C LYS A 352 2.76 -12.85 -14.68
N TYR A 353 2.38 -14.04 -14.20
CA TYR A 353 2.62 -14.40 -12.80
C TYR A 353 3.25 -15.79 -12.65
N LYS A 354 3.76 -16.38 -13.72
CA LYS A 354 4.32 -17.73 -13.67
C LYS A 354 5.84 -17.73 -13.73
N GLU B 4 2.25 -23.48 21.25
CA GLU B 4 1.52 -22.48 20.48
C GLU B 4 1.43 -22.88 19.01
N ASN B 5 0.35 -22.46 18.35
CA ASN B 5 0.04 -22.91 16.99
C ASN B 5 0.43 -21.82 15.99
N ILE B 6 1.30 -22.18 15.05
CA ILE B 6 1.72 -21.28 13.99
C ILE B 6 1.32 -21.90 12.65
N CYS B 7 1.04 -21.03 11.68
CA CYS B 7 0.63 -21.45 10.34
C CYS B 7 1.54 -20.78 9.33
N ILE B 8 2.18 -21.57 8.48
CA ILE B 8 3.12 -21.08 7.49
C ILE B 8 2.43 -21.04 6.14
N VAL B 9 2.36 -19.85 5.54
CA VAL B 9 1.76 -19.65 4.23
C VAL B 9 2.88 -19.42 3.22
N PHE B 10 2.88 -20.18 2.14
CA PHE B 10 3.93 -20.09 1.14
C PHE B 10 3.36 -20.43 -0.23
N GLY B 11 4.17 -20.16 -1.26
CA GLY B 11 3.72 -20.33 -2.63
C GLY B 11 3.34 -19.01 -3.26
N GLY B 12 2.08 -18.87 -3.63
CA GLY B 12 1.56 -17.57 -4.03
C GLY B 12 1.44 -17.41 -5.54
N LYS B 13 0.43 -16.65 -5.95
CA LYS B 13 0.23 -16.27 -7.35
C LYS B 13 1.22 -15.15 -7.66
N SER B 14 2.47 -15.55 -7.91
CA SER B 14 3.55 -14.59 -8.08
C SER B 14 4.66 -15.23 -8.90
N ALA B 15 5.41 -14.40 -9.62
CA ALA B 15 6.55 -14.88 -10.39
C ALA B 15 7.66 -15.42 -9.49
N GLU B 16 7.66 -15.07 -8.21
CA GLU B 16 8.60 -15.59 -7.23
C GLU B 16 8.06 -16.84 -6.53
N HIS B 17 7.26 -17.65 -7.22
CA HIS B 17 6.60 -18.78 -6.57
C HIS B 17 7.62 -19.83 -6.10
N GLU B 18 8.55 -20.21 -6.97
CA GLU B 18 9.53 -21.23 -6.60
C GLU B 18 10.43 -20.76 -5.47
N VAL B 19 10.71 -19.46 -5.41
CA VAL B 19 11.56 -18.94 -4.32
C VAL B 19 10.83 -19.03 -3.00
N SER B 20 9.52 -18.78 -2.99
CA SER B 20 8.74 -18.90 -1.77
C SER B 20 8.76 -20.34 -1.24
N ILE B 21 8.80 -21.32 -2.14
CA ILE B 21 8.88 -22.71 -1.71
C ILE B 21 10.25 -23.00 -1.09
N LEU B 22 11.32 -22.50 -1.72
CA LEU B 22 12.66 -22.70 -1.16
C LEU B 22 12.80 -22.00 0.18
N THR B 23 12.19 -20.81 0.32
CA THR B 23 12.21 -20.13 1.61
C THR B 23 11.46 -20.92 2.67
N ALA B 24 10.33 -21.52 2.29
CA ALA B 24 9.53 -22.27 3.26
C ALA B 24 10.26 -23.51 3.77
N GLN B 25 11.07 -24.14 2.93
CA GLN B 25 11.76 -25.36 3.35
C GLN B 25 12.72 -25.09 4.51
N ASN B 26 13.44 -23.98 4.44
CA ASN B 26 14.42 -23.67 5.49
C ASN B 26 13.74 -23.18 6.76
N VAL B 27 12.67 -22.40 6.63
CA VAL B 27 11.94 -21.95 7.82
C VAL B 27 11.30 -23.14 8.52
N LEU B 28 10.75 -24.10 7.76
CA LEU B 28 10.19 -25.30 8.36
C LEU B 28 11.27 -26.17 8.98
N ASN B 29 12.43 -26.28 8.33
CA ASN B 29 13.51 -27.11 8.84
C ASN B 29 14.27 -26.48 10.00
N ALA B 30 14.08 -25.19 10.26
CA ALA B 30 14.82 -24.51 11.31
C ALA B 30 13.96 -24.00 12.46
N ILE B 31 12.63 -24.08 12.35
CA ILE B 31 11.76 -23.59 13.41
C ILE B 31 11.76 -24.57 14.58
N TYR B 36 6.31 -25.16 19.11
CA TYR B 36 5.29 -24.68 18.20
C TYR B 36 4.62 -25.82 17.44
N HIS B 37 3.29 -25.82 17.41
CA HIS B 37 2.53 -26.72 16.55
C HIS B 37 2.40 -26.07 15.17
N VAL B 38 2.91 -26.75 14.15
CA VAL B 38 3.13 -26.14 12.84
C VAL B 38 2.16 -26.74 11.83
N ASP B 39 1.35 -25.88 11.22
CA ASP B 39 0.57 -26.21 10.03
C ASP B 39 1.04 -25.33 8.88
N ILE B 40 0.85 -25.83 7.66
CA ILE B 40 1.28 -25.10 6.47
C ILE B 40 0.11 -24.98 5.51
N ILE B 41 0.10 -23.86 4.77
CA ILE B 41 -0.90 -23.61 3.72
C ILE B 41 -0.14 -23.31 2.44
N TYR B 42 -0.38 -24.10 1.40
CA TYR B 42 0.28 -23.94 0.11
C TYR B 42 -0.67 -23.26 -0.86
N ILE B 43 -0.31 -22.05 -1.27
CA ILE B 43 -1.05 -21.33 -2.31
C ILE B 43 -0.37 -21.64 -3.64
N THR B 44 -1.11 -22.29 -4.54
CA THR B 44 -0.57 -22.64 -5.84
C THR B 44 -0.25 -21.38 -6.65
N ASN B 45 0.47 -21.57 -7.76
CA ASN B 45 0.77 -20.46 -8.64
C ASN B 45 -0.47 -19.84 -9.26
N ASP B 46 -1.62 -20.51 -9.17
CA ASP B 46 -2.89 -20.00 -9.69
C ASP B 46 -3.79 -19.43 -8.61
N GLY B 47 -3.37 -19.46 -7.35
CA GLY B 47 -4.12 -18.87 -6.27
C GLY B 47 -5.02 -19.80 -5.48
N ASP B 48 -4.84 -21.11 -5.62
CA ASP B 48 -5.66 -22.07 -4.89
C ASP B 48 -5.00 -22.42 -3.56
N TRP B 49 -5.81 -22.45 -2.50
CA TRP B 49 -5.33 -22.71 -1.16
C TRP B 49 -5.42 -24.19 -0.82
N ARG B 50 -4.33 -24.76 -0.33
CA ARG B 50 -4.27 -26.16 0.04
C ARG B 50 -3.53 -26.30 1.37
N LYS B 51 -4.13 -26.99 2.32
CA LYS B 51 -3.65 -27.03 3.69
C LYS B 51 -3.18 -28.43 4.05
N GLN B 52 -2.10 -28.50 4.85
CA GLN B 52 -1.61 -29.74 5.43
C GLN B 52 -1.33 -29.50 6.90
N ASN B 53 -1.87 -30.36 7.76
CA ASN B 53 -1.76 -30.19 9.20
C ASN B 53 -0.54 -30.91 9.76
N ASN B 54 0.03 -30.34 10.82
CA ASN B 54 1.06 -30.96 11.64
C ASN B 54 2.29 -31.41 10.86
N ILE B 55 3.32 -30.57 10.81
CA ILE B 55 4.58 -30.95 10.20
C ILE B 55 5.55 -31.38 11.30
N THR B 56 5.41 -32.62 11.77
CA THR B 56 6.31 -33.13 12.80
C THR B 56 7.66 -33.52 12.23
N ALA B 57 7.71 -34.01 11.00
CA ALA B 57 8.93 -34.53 10.41
C ALA B 57 9.70 -33.43 9.68
N GLU B 58 10.83 -33.81 9.09
CA GLU B 58 11.71 -32.87 8.41
C GLU B 58 11.41 -32.84 6.91
N ILE B 59 11.47 -31.65 6.33
CA ILE B 59 11.24 -31.47 4.90
C ILE B 59 12.51 -31.86 4.15
N LYS B 60 12.40 -32.88 3.29
CA LYS B 60 13.56 -33.39 2.57
C LYS B 60 13.75 -32.76 1.19
N SER B 61 12.68 -32.28 0.56
CA SER B 61 12.79 -31.77 -0.79
C SER B 61 11.79 -30.65 -1.01
N THR B 62 12.09 -29.79 -1.99
CA THR B 62 11.13 -28.79 -2.44
C THR B 62 9.96 -29.46 -3.16
N ASP B 63 10.20 -30.60 -3.81
CA ASP B 63 9.14 -31.28 -4.56
C ASP B 63 7.98 -31.68 -3.66
N GLU B 64 8.27 -32.07 -2.42
CA GLU B 64 7.22 -32.53 -1.52
C GLU B 64 6.43 -31.38 -0.90
N LEU B 65 6.73 -30.13 -1.25
CA LEU B 65 5.93 -29.00 -0.84
C LEU B 65 4.98 -28.51 -1.93
N HIS B 66 5.03 -29.13 -3.11
CA HIS B 66 4.00 -28.93 -4.14
C HIS B 66 2.81 -29.80 -3.75
N LEU B 67 1.93 -29.24 -2.93
CA LEU B 67 0.81 -30.00 -2.38
C LEU B 67 -0.32 -30.16 -3.41
N GLU B 74 -12.18 -23.94 2.73
CA GLU B 74 -12.55 -22.52 2.68
C GLU B 74 -11.47 -21.68 3.34
N ILE B 75 -11.11 -20.57 2.71
CA ILE B 75 -9.98 -19.75 3.18
C ILE B 75 -10.22 -19.29 4.61
N SER B 76 -11.44 -18.82 4.91
CA SER B 76 -11.75 -18.39 6.27
C SER B 76 -11.64 -19.55 7.25
N GLN B 77 -12.09 -20.74 6.86
CA GLN B 77 -11.98 -21.92 7.70
C GLN B 77 -10.56 -22.47 7.76
N LEU B 78 -9.73 -22.22 6.75
CA LEU B 78 -8.32 -22.61 6.83
C LEU B 78 -7.59 -21.80 7.88
N LEU B 79 -8.00 -20.56 8.11
CA LEU B 79 -7.39 -19.70 9.11
C LEU B 79 -8.24 -19.68 10.38
N GLN B 86 -8.08 -25.09 18.16
CA GLN B 86 -7.83 -23.76 18.70
C GLN B 86 -7.29 -22.83 17.63
N PRO B 87 -7.67 -21.55 17.67
CA PRO B 87 -7.17 -20.58 16.69
C PRO B 87 -5.67 -20.36 16.83
N TYR B 88 -5.08 -19.92 15.73
CA TYR B 88 -3.63 -19.74 15.67
C TYR B 88 -3.19 -18.57 16.54
N ASP B 89 -2.00 -18.71 17.12
CA ASP B 89 -1.38 -17.60 17.85
C ASP B 89 -0.72 -16.59 16.92
N ALA B 90 -0.38 -17.00 15.70
CA ALA B 90 0.24 -16.13 14.71
C ALA B 90 0.32 -16.87 13.38
N VAL B 91 0.00 -16.18 12.30
CA VAL B 91 0.17 -16.70 10.94
C VAL B 91 1.42 -16.09 10.35
N PHE B 92 2.27 -16.93 9.75
CA PHE B 92 3.58 -16.52 9.26
C PHE B 92 3.61 -16.67 7.74
N PRO B 93 3.35 -15.59 7.00
CA PRO B 93 3.44 -15.68 5.54
C PRO B 93 4.89 -15.61 5.07
N LEU B 94 5.19 -16.44 4.07
CA LEU B 94 6.51 -16.47 3.44
C LEU B 94 6.40 -16.18 1.94
N LEU B 95 5.44 -15.33 1.56
CA LEU B 95 5.20 -15.04 0.16
C LEU B 95 6.14 -13.94 -0.32
N HIS B 96 6.52 -14.04 -1.60
CA HIS B 96 7.39 -13.06 -2.25
C HIS B 96 6.67 -12.45 -3.44
N GLY B 97 6.79 -11.13 -3.58
CA GLY B 97 6.23 -10.44 -4.71
C GLY B 97 4.75 -10.14 -4.57
N PRO B 98 4.08 -9.96 -5.70
CA PRO B 98 2.65 -9.61 -5.66
C PRO B 98 1.81 -10.73 -5.03
N ASN B 99 0.65 -10.33 -4.51
CA ASN B 99 -0.30 -11.25 -3.90
C ASN B 99 0.30 -11.98 -2.70
N GLY B 100 1.02 -11.23 -1.86
CA GLY B 100 1.60 -11.82 -0.67
C GLY B 100 2.61 -10.94 0.05
N GLU B 101 3.40 -10.18 -0.72
CA GLU B 101 4.39 -9.27 -0.17
C GLU B 101 4.04 -7.81 -0.49
N ASP B 102 2.77 -7.53 -0.81
CA ASP B 102 2.37 -6.22 -1.28
C ASP B 102 1.15 -5.67 -0.55
N GLY B 103 0.82 -6.22 0.61
CA GLY B 103 -0.28 -5.74 1.41
C GLY B 103 -1.61 -6.44 1.17
N THR B 104 -1.71 -7.28 0.14
CA THR B 104 -2.98 -7.92 -0.18
C THR B 104 -3.37 -8.95 0.87
N ILE B 105 -2.50 -9.94 1.10
CA ILE B 105 -2.83 -10.97 2.08
C ILE B 105 -2.83 -10.39 3.49
N GLN B 106 -2.08 -9.30 3.71
CA GLN B 106 -2.10 -8.64 5.01
C GLN B 106 -3.45 -8.01 5.29
N GLY B 107 -4.13 -7.52 4.25
CA GLY B 107 -5.48 -7.00 4.43
C GLY B 107 -6.48 -8.08 4.77
N LEU B 108 -6.33 -9.26 4.15
CA LEU B 108 -7.16 -10.40 4.50
C LEU B 108 -7.00 -10.78 5.97
N PHE B 109 -5.76 -10.80 6.45
CA PHE B 109 -5.51 -11.08 7.87
C PHE B 109 -6.15 -10.02 8.75
N GLU B 110 -6.19 -8.76 8.30
CA GLU B 110 -6.81 -7.70 9.09
C GLU B 110 -8.32 -7.90 9.21
N VAL B 111 -8.98 -8.26 8.10
CA VAL B 111 -10.42 -8.45 8.14
C VAL B 111 -10.78 -9.60 9.06
N LEU B 112 -10.05 -10.70 8.98
CA LEU B 112 -10.29 -11.86 9.83
C LEU B 112 -9.74 -11.69 11.24
N ASP B 113 -9.04 -10.58 11.51
CA ASP B 113 -8.54 -10.27 12.85
C ASP B 113 -7.65 -11.38 13.39
N VAL B 114 -6.67 -11.78 12.58
CA VAL B 114 -5.75 -12.85 12.91
C VAL B 114 -4.35 -12.25 13.00
N PRO B 115 -3.59 -12.54 14.06
CA PRO B 115 -2.22 -12.02 14.15
C PRO B 115 -1.33 -12.61 13.06
N TYR B 116 -0.44 -11.78 12.53
CA TYR B 116 0.44 -12.22 11.46
C TYR B 116 1.82 -11.61 11.61
N VAL B 117 2.82 -12.29 11.05
CA VAL B 117 4.22 -11.90 11.12
C VAL B 117 4.54 -10.96 9.98
N GLY B 118 5.36 -9.95 10.25
CA GLY B 118 5.89 -9.10 9.21
C GLY B 118 5.20 -7.77 9.10
N ASN B 119 5.32 -7.18 7.91
CA ASN B 119 4.84 -5.83 7.66
C ASN B 119 3.33 -5.80 7.46
N GLY B 120 2.74 -4.65 7.77
CA GLY B 120 1.31 -4.46 7.63
C GLY B 120 0.92 -4.11 6.20
N VAL B 121 -0.32 -3.63 6.06
CA VAL B 121 -0.86 -3.34 4.75
C VAL B 121 -0.06 -2.24 4.06
N LEU B 122 0.08 -1.10 4.73
CA LEU B 122 0.74 0.05 4.10
C LEU B 122 2.23 -0.19 3.90
N SER B 123 2.90 -0.76 4.91
CA SER B 123 4.35 -0.94 4.82
C SER B 123 4.73 -1.95 3.73
N ALA B 124 3.98 -3.05 3.62
CA ALA B 124 4.28 -4.03 2.58
C ALA B 124 3.98 -3.47 1.20
N ALA B 125 2.90 -2.70 1.07
CA ALA B 125 2.53 -2.16 -0.24
C ALA B 125 3.49 -1.07 -0.69
N SER B 126 3.86 -0.15 0.20
CA SER B 126 4.72 0.95 -0.19
C SER B 126 6.17 0.54 -0.39
N SER B 127 6.59 -0.59 0.19
CA SER B 127 7.93 -1.10 -0.05
C SER B 127 8.01 -2.00 -1.27
N MET B 128 6.89 -2.62 -1.66
CA MET B 128 6.88 -3.43 -2.88
C MET B 128 6.91 -2.54 -4.12
N ASP B 129 6.09 -1.48 -4.13
CA ASP B 129 6.08 -0.54 -5.24
C ASP B 129 7.36 0.30 -5.20
N LYS B 130 8.29 0.02 -6.13
CA LYS B 130 9.60 0.66 -6.09
C LYS B 130 9.50 2.16 -6.33
N LEU B 131 8.47 2.62 -7.05
CA LEU B 131 8.32 4.06 -7.26
C LEU B 131 7.96 4.77 -5.96
N VAL B 132 6.89 4.32 -5.30
CA VAL B 132 6.51 4.89 -4.01
C VAL B 132 7.66 4.76 -3.01
N MET B 133 8.35 3.62 -3.03
CA MET B 133 9.50 3.40 -2.16
C MET B 133 10.55 4.48 -2.35
N LYS B 134 10.94 4.74 -3.61
CA LYS B 134 11.97 5.74 -3.88
C LYS B 134 11.51 7.13 -3.45
N GLN B 135 10.23 7.46 -3.66
CA GLN B 135 9.72 8.77 -3.27
C GLN B 135 9.75 8.94 -1.76
N LEU B 136 9.42 7.89 -1.01
CA LEU B 136 9.46 7.97 0.45
C LEU B 136 10.90 7.98 0.95
N PHE B 137 11.78 7.21 0.33
CA PHE B 137 13.20 7.25 0.69
C PHE B 137 13.79 8.62 0.46
N GLU B 138 13.36 9.29 -0.62
CA GLU B 138 13.89 10.61 -0.94
C GLU B 138 13.48 11.64 0.13
N HIS B 139 12.22 11.57 0.60
CA HIS B 139 11.78 12.50 1.63
C HIS B 139 12.49 12.24 2.95
N ARG B 140 12.88 11.00 3.22
CA ARG B 140 13.61 10.66 4.42
C ARG B 140 15.07 11.12 4.37
N GLY B 141 15.56 11.50 3.20
CA GLY B 141 16.92 11.99 3.05
C GLY B 141 17.94 10.95 2.63
N LEU B 142 17.51 9.77 2.18
CA LEU B 142 18.43 8.72 1.78
C LEU B 142 18.94 8.95 0.37
N PRO B 143 20.20 8.61 0.09
CA PRO B 143 20.74 8.80 -1.26
C PRO B 143 20.30 7.71 -2.22
N GLN B 144 19.97 8.12 -3.45
CA GLN B 144 19.49 7.19 -4.46
C GLN B 144 20.05 7.58 -5.82
N LEU B 145 20.04 6.62 -6.74
CA LEU B 145 20.49 6.84 -8.11
C LEU B 145 19.42 7.58 -8.90
N PRO B 146 19.83 8.31 -9.94
CA PRO B 146 18.84 8.97 -10.80
C PRO B 146 17.94 7.94 -11.49
N TYR B 147 16.64 8.25 -11.54
CA TYR B 147 15.69 7.29 -12.07
C TYR B 147 14.53 8.02 -12.74
N ILE B 148 13.77 7.26 -13.52
CA ILE B 148 12.57 7.74 -14.21
C ILE B 148 11.50 6.65 -14.09
N SER B 149 10.24 7.07 -14.03
CA SER B 149 9.13 6.14 -13.94
C SER B 149 8.00 6.60 -14.86
N PHE B 150 7.23 5.64 -15.36
CA PHE B 150 6.09 5.93 -16.21
C PHE B 150 5.19 4.71 -16.28
N LEU B 151 3.94 4.95 -16.68
CA LEU B 151 2.93 3.91 -16.82
C LEU B 151 2.85 3.42 -18.26
N ARG B 152 2.20 2.27 -18.44
CA ARG B 152 2.02 1.74 -19.79
C ARG B 152 1.17 2.67 -20.64
N SER B 153 0.17 3.32 -20.03
CA SER B 153 -0.67 4.26 -20.76
C SER B 153 0.13 5.45 -21.25
N GLU B 154 1.11 5.90 -20.46
CA GLU B 154 1.91 7.06 -20.85
C GLU B 154 2.97 6.69 -21.90
N TYR B 155 3.48 5.46 -21.86
CA TYR B 155 4.51 5.06 -22.82
C TYR B 155 3.94 4.92 -24.23
N GLU B 156 2.66 4.57 -24.35
CA GLU B 156 2.07 4.38 -25.67
C GLU B 156 1.84 5.71 -26.38
N LYS B 157 1.55 6.77 -25.63
CA LYS B 157 1.30 8.08 -26.21
C LYS B 157 2.51 9.00 -26.19
N TYR B 158 3.55 8.66 -25.43
CA TYR B 158 4.72 9.53 -25.26
C TYR B 158 6.01 8.73 -25.30
N GLU B 159 6.08 7.74 -26.19
CA GLU B 159 7.28 6.90 -26.26
C GLU B 159 8.51 7.71 -26.61
N HIS B 160 8.40 8.65 -27.55
CA HIS B 160 9.57 9.33 -28.07
C HIS B 160 10.24 10.19 -26.99
N ASN B 161 9.50 11.08 -26.36
CA ASN B 161 10.11 11.96 -25.37
C ASN B 161 10.48 11.22 -24.08
N ILE B 162 9.90 10.05 -23.83
CA ILE B 162 10.33 9.24 -22.70
C ILE B 162 11.71 8.65 -22.98
N LEU B 163 11.94 8.15 -24.19
CA LEU B 163 13.26 7.66 -24.56
C LEU B 163 14.29 8.78 -24.61
N LYS B 164 13.87 9.98 -25.01
CA LYS B 164 14.78 11.13 -24.99
C LYS B 164 15.06 11.59 -23.56
N LEU B 165 14.08 11.43 -22.66
CA LEU B 165 14.30 11.76 -21.25
C LEU B 165 15.33 10.82 -20.62
N VAL B 166 15.36 9.56 -21.05
CA VAL B 166 16.39 8.64 -20.57
C VAL B 166 17.76 9.11 -21.02
N ASN B 167 17.87 9.57 -22.27
CA ASN B 167 19.17 10.03 -22.77
C ASN B 167 19.62 11.29 -22.06
N ASP B 168 18.69 12.20 -21.76
CA ASP B 168 19.07 13.51 -21.24
C ASP B 168 19.29 13.50 -19.73
N LYS B 169 18.48 12.75 -18.99
CA LYS B 169 18.56 12.74 -17.54
C LYS B 169 19.39 11.59 -16.98
N LEU B 170 19.34 10.41 -17.58
CA LEU B 170 20.07 9.26 -17.09
C LEU B 170 21.37 9.09 -17.86
N ASN B 171 22.02 7.95 -17.67
CA ASN B 171 23.32 7.68 -18.28
C ASN B 171 23.42 6.19 -18.55
N TYR B 172 23.75 5.82 -19.79
CA TYR B 172 23.82 4.41 -20.14
C TYR B 172 25.07 3.77 -19.53
N PRO B 173 24.99 2.49 -19.13
CA PRO B 173 23.81 1.62 -19.24
C PRO B 173 22.76 1.89 -18.17
N VAL B 174 21.51 1.54 -18.45
CA VAL B 174 20.40 1.73 -17.53
C VAL B 174 19.79 0.38 -17.19
N PHE B 175 19.00 0.35 -16.12
CA PHE B 175 18.30 -0.84 -15.68
C PHE B 175 16.81 -0.55 -15.66
N VAL B 176 16.05 -1.27 -16.49
CA VAL B 176 14.60 -1.16 -16.52
C VAL B 176 14.02 -2.26 -15.63
N LYS B 177 13.08 -1.88 -14.77
CA LYS B 177 12.51 -2.80 -13.78
C LYS B 177 11.00 -2.65 -13.72
N PRO B 178 10.27 -3.74 -13.53
CA PRO B 178 8.87 -3.60 -13.10
C PRO B 178 8.81 -3.04 -11.69
N ALA B 179 7.73 -2.30 -11.41
CA ALA B 179 7.65 -1.59 -10.15
C ALA B 179 7.45 -2.54 -8.97
N ASN B 180 6.62 -3.58 -9.16
CA ASN B 180 6.23 -4.48 -8.08
C ASN B 180 6.67 -5.90 -8.42
N LEU B 181 7.92 -6.23 -8.10
CA LEU B 181 8.42 -7.60 -8.29
C LEU B 181 9.70 -7.77 -7.48
N GLY B 182 10.35 -8.91 -7.68
CA GLY B 182 11.60 -9.22 -7.02
C GLY B 182 12.29 -10.37 -7.73
N SER B 183 13.37 -10.85 -7.12
CA SER B 183 14.18 -11.94 -7.65
C SER B 183 14.71 -11.62 -9.06
N SER B 184 14.88 -10.34 -9.36
CA SER B 184 15.38 -9.86 -10.64
C SER B 184 14.50 -10.26 -11.81
N VAL B 185 13.24 -10.61 -11.54
CA VAL B 185 12.32 -10.99 -12.62
C VAL B 185 11.91 -9.74 -13.38
N GLY B 186 12.04 -9.78 -14.71
CA GLY B 186 11.68 -8.66 -15.56
C GLY B 186 12.73 -7.58 -15.70
N ILE B 187 13.85 -7.69 -14.99
CA ILE B 187 14.91 -6.68 -15.04
C ILE B 187 15.88 -7.03 -16.15
N SER B 188 16.37 -6.02 -16.86
CA SER B 188 17.36 -6.20 -17.89
C SER B 188 18.30 -5.00 -17.92
N LYS B 189 19.57 -5.28 -18.17
CA LYS B 189 20.59 -4.25 -18.29
C LYS B 189 20.72 -3.84 -19.76
N CYS B 190 20.49 -2.56 -20.05
CA CYS B 190 20.40 -2.06 -21.41
C CYS B 190 21.53 -1.05 -21.65
N ASN B 191 22.34 -1.30 -22.67
CA ASN B 191 23.51 -0.48 -22.95
C ASN B 191 23.23 0.66 -23.91
N ASN B 192 22.14 0.62 -24.65
CA ASN B 192 21.81 1.70 -25.58
C ASN B 192 20.29 1.75 -25.75
N GLU B 193 19.85 2.68 -26.60
CA GLU B 193 18.41 2.88 -26.79
C GLU B 193 17.74 1.68 -27.45
N ALA B 194 18.46 0.97 -28.32
CA ALA B 194 17.88 -0.21 -28.97
C ALA B 194 17.60 -1.31 -27.96
N GLU B 195 18.57 -1.59 -27.06
CA GLU B 195 18.35 -2.59 -26.04
C GLU B 195 17.34 -2.12 -25.00
N LEU B 196 17.26 -0.81 -24.76
CA LEU B 196 16.31 -0.27 -23.79
C LEU B 196 14.87 -0.52 -24.24
N LYS B 197 14.59 -0.36 -25.53
CA LYS B 197 13.23 -0.54 -26.03
C LYS B 197 12.77 -1.98 -25.90
N GLU B 198 13.69 -2.94 -25.97
CA GLU B 198 13.32 -4.33 -25.74
C GLU B 198 13.14 -4.62 -24.26
N GLY B 199 13.95 -4.01 -23.40
CA GLY B 199 13.80 -4.21 -21.97
C GLY B 199 12.50 -3.64 -21.44
N ILE B 200 12.06 -2.51 -22.00
CA ILE B 200 10.79 -1.91 -21.60
C ILE B 200 9.64 -2.84 -21.98
N LYS B 201 9.68 -3.38 -23.19
CA LYS B 201 8.62 -4.29 -23.63
C LYS B 201 8.59 -5.56 -22.79
N GLU B 202 9.75 -6.02 -22.32
CA GLU B 202 9.79 -7.22 -21.48
C GLU B 202 9.29 -6.92 -20.07
N ALA B 203 9.68 -5.77 -19.52
CA ALA B 203 9.27 -5.42 -18.16
C ALA B 203 7.76 -5.20 -18.06
N PHE B 204 7.15 -4.67 -19.11
CA PHE B 204 5.70 -4.43 -19.11
C PHE B 204 4.89 -5.72 -19.09
N GLN B 205 5.53 -6.88 -19.24
CA GLN B 205 4.81 -8.14 -19.12
C GLN B 205 4.44 -8.45 -17.67
N PHE B 206 5.07 -7.76 -16.70
CA PHE B 206 4.88 -8.06 -15.30
C PHE B 206 4.17 -6.97 -14.51
N ASP B 207 4.13 -5.74 -15.02
CA ASP B 207 3.53 -4.65 -14.28
C ASP B 207 3.05 -3.57 -15.26
N ARG B 208 2.12 -2.75 -14.80
CA ARG B 208 1.65 -1.58 -15.54
C ARG B 208 2.54 -0.37 -15.33
N LYS B 209 3.50 -0.45 -14.41
CA LYS B 209 4.34 0.68 -14.03
C LYS B 209 5.79 0.23 -14.00
N LEU B 210 6.69 1.06 -14.54
CA LEU B 210 8.09 0.73 -14.63
C LEU B 210 8.94 1.82 -13.97
N VAL B 211 10.15 1.44 -13.60
CA VAL B 211 11.20 2.37 -13.21
C VAL B 211 12.45 2.07 -14.01
N ILE B 212 13.15 3.10 -14.43
CA ILE B 212 14.40 2.96 -15.18
C ILE B 212 15.46 3.76 -14.42
N GLU B 213 16.51 3.07 -13.96
CA GLU B 213 17.55 3.66 -13.14
C GLU B 213 18.83 3.82 -13.94
N GLN B 214 19.56 4.89 -13.67
CA GLN B 214 20.93 5.00 -14.17
C GLN B 214 21.79 3.92 -13.56
N GLY B 215 22.52 3.19 -14.40
CA GLY B 215 23.36 2.12 -13.91
C GLY B 215 24.58 2.65 -13.18
N VAL B 216 25.12 1.81 -12.29
CA VAL B 216 26.29 2.15 -11.50
C VAL B 216 27.17 0.91 -11.37
N ASN B 217 28.48 1.14 -11.33
CA ASN B 217 29.45 0.09 -11.06
C ASN B 217 29.80 0.15 -9.58
N ALA B 218 29.35 -0.85 -8.82
CA ALA B 218 29.49 -0.78 -7.38
C ALA B 218 29.37 -2.18 -6.77
N ARG B 219 29.80 -2.29 -5.52
CA ARG B 219 29.60 -3.50 -4.74
C ARG B 219 28.20 -3.48 -4.13
N GLU B 220 27.65 -4.67 -3.91
CA GLU B 220 26.27 -4.83 -3.45
C GLU B 220 26.27 -5.32 -2.01
N ILE B 221 25.75 -4.50 -1.11
CA ILE B 221 25.81 -4.72 0.33
C ILE B 221 24.39 -4.78 0.88
N GLU B 222 24.16 -5.65 1.86
CA GLU B 222 22.83 -5.85 2.43
C GLU B 222 22.90 -5.85 3.95
N VAL B 223 21.85 -5.30 4.57
CA VAL B 223 21.75 -5.17 6.02
C VAL B 223 20.39 -5.68 6.47
N ALA B 224 20.36 -6.41 7.57
CA ALA B 224 19.14 -7.00 8.11
C ALA B 224 18.61 -6.17 9.28
N VAL B 225 17.29 -5.97 9.31
CA VAL B 225 16.63 -5.22 10.37
C VAL B 225 15.54 -6.11 10.98
N LEU B 226 15.28 -5.89 12.27
CA LEU B 226 14.31 -6.69 13.00
C LEU B 226 13.76 -5.87 14.17
N GLY B 227 12.44 -5.92 14.34
CA GLY B 227 11.79 -5.24 15.45
C GLY B 227 10.50 -4.55 15.06
N ASN B 228 9.79 -3.99 16.06
CA ASN B 228 8.56 -3.28 15.83
C ASN B 228 8.83 -1.80 16.08
N ASP B 229 8.51 -1.27 17.26
CA ASP B 229 8.73 0.15 17.54
C ASP B 229 10.18 0.49 17.82
N TYR B 230 11.04 -0.51 18.03
CA TYR B 230 12.46 -0.29 18.30
C TYR B 230 13.27 -1.29 17.49
N PRO B 231 13.48 -1.01 16.20
CA PRO B 231 14.20 -1.95 15.35
C PRO B 231 15.70 -1.96 15.63
N GLU B 232 16.33 -3.06 15.26
CA GLU B 232 17.77 -3.24 15.39
C GLU B 232 18.33 -3.75 14.07
N ALA B 233 19.52 -3.28 13.72
CA ALA B 233 20.16 -3.61 12.45
C ALA B 233 21.47 -4.35 12.68
N THR B 234 21.82 -5.21 11.72
CA THR B 234 23.01 -6.04 11.81
C THR B 234 24.18 -5.36 11.12
N TRP B 235 25.35 -6.02 11.21
CA TRP B 235 26.47 -5.61 10.40
C TRP B 235 26.22 -5.98 8.94
N PRO B 236 26.75 -5.19 8.00
CA PRO B 236 26.50 -5.47 6.58
C PRO B 236 27.36 -6.61 6.06
N GLY B 237 26.85 -7.24 4.99
CA GLY B 237 27.58 -8.26 4.29
C GLY B 237 27.55 -8.00 2.80
N GLU B 238 28.50 -8.62 2.09
CA GLU B 238 28.71 -8.36 0.68
C GLU B 238 28.40 -9.58 -0.17
N VAL B 239 27.75 -9.33 -1.31
CA VAL B 239 27.50 -10.37 -2.31
C VAL B 239 28.69 -10.31 -3.27
N VAL B 240 29.70 -11.12 -3.00
CA VAL B 240 30.90 -11.17 -3.84
C VAL B 240 30.60 -11.98 -5.09
N LYS B 241 30.85 -11.40 -6.25
CA LYS B 241 30.45 -12.01 -7.50
C LYS B 241 31.39 -11.57 -8.62
N ASP B 242 31.44 -12.40 -9.67
CA ASP B 242 32.20 -12.05 -10.87
C ASP B 242 31.37 -11.30 -11.90
N VAL B 243 30.06 -11.56 -11.95
CA VAL B 243 29.18 -10.92 -12.91
C VAL B 243 28.66 -9.61 -12.32
N ALA B 244 28.39 -8.64 -13.20
CA ALA B 244 27.88 -7.35 -12.76
C ALA B 244 26.39 -7.42 -12.42
N PHE B 245 25.60 -8.02 -13.31
CA PHE B 245 24.16 -8.14 -13.10
C PHE B 245 23.87 -9.36 -12.25
N TYR B 246 23.28 -9.14 -11.07
CA TYR B 246 22.90 -10.20 -10.15
C TYR B 246 21.49 -10.65 -10.51
N ASP B 247 21.39 -11.41 -11.60
CA ASP B 247 20.09 -11.76 -12.18
C ASP B 247 19.54 -13.03 -11.52
N TYR B 248 18.44 -13.56 -12.08
CA TYR B 248 17.76 -14.69 -11.47
C TYR B 248 18.64 -15.94 -11.49
N LYS B 249 19.32 -16.20 -12.61
CA LYS B 249 20.17 -17.37 -12.70
C LYS B 249 21.32 -17.29 -11.70
N SER B 250 21.91 -16.11 -11.54
CA SER B 250 23.01 -15.95 -10.61
C SER B 250 22.55 -16.10 -9.16
N LYS B 251 21.29 -15.78 -8.87
CA LYS B 251 20.81 -15.78 -7.49
C LYS B 251 20.49 -17.19 -6.99
N TYR B 252 19.84 -18.01 -7.82
CA TYR B 252 19.30 -19.28 -7.36
C TYR B 252 19.74 -20.50 -8.14
N LYS B 253 20.25 -20.34 -9.36
CA LYS B 253 20.50 -21.48 -10.23
C LYS B 253 21.90 -22.07 -10.06
N ASP B 254 22.90 -21.25 -9.75
CA ASP B 254 24.27 -21.73 -9.63
C ASP B 254 24.97 -21.03 -8.49
N GLY B 255 25.95 -21.72 -7.90
CA GLY B 255 26.64 -21.21 -6.74
C GLY B 255 27.96 -20.52 -7.05
N LYS B 256 28.03 -19.83 -8.19
CA LYS B 256 29.23 -19.09 -8.54
C LYS B 256 29.42 -17.87 -7.63
N VAL B 257 28.35 -17.42 -6.99
CA VAL B 257 28.37 -16.25 -6.13
C VAL B 257 28.61 -16.69 -4.69
N GLN B 258 29.44 -15.93 -3.97
CA GLN B 258 29.75 -16.22 -2.58
C GLN B 258 29.37 -15.03 -1.70
N LEU B 259 28.77 -15.32 -0.55
CA LEU B 259 28.44 -14.29 0.42
C LEU B 259 29.57 -14.15 1.44
N GLN B 260 29.72 -12.94 1.97
CA GLN B 260 30.76 -12.65 2.96
C GLN B 260 30.15 -11.81 4.07
N ILE B 261 30.10 -12.36 5.28
CA ILE B 261 29.51 -11.71 6.43
C ILE B 261 30.49 -11.77 7.59
N PRO B 262 30.98 -10.61 8.09
CA PRO B 262 30.66 -9.29 7.58
C PRO B 262 31.47 -8.92 6.33
N ALA B 263 31.12 -7.79 5.72
CA ALA B 263 31.80 -7.35 4.51
C ALA B 263 33.10 -6.62 4.86
N ASP B 264 34.05 -6.67 3.92
CA ASP B 264 35.33 -5.99 4.08
C ASP B 264 35.11 -4.51 3.80
N LEU B 265 34.75 -3.76 4.85
CA LEU B 265 34.48 -2.34 4.72
C LEU B 265 35.06 -1.60 5.92
N ASP B 266 35.23 -0.30 5.76
CA ASP B 266 35.66 0.54 6.86
C ASP B 266 34.60 0.56 7.96
N GLU B 267 35.06 0.81 9.19
CA GLU B 267 34.14 0.78 10.34
C GLU B 267 33.08 1.86 10.23
N ASP B 268 33.46 3.06 9.77
CA ASP B 268 32.51 4.14 9.66
C ASP B 268 31.53 3.93 8.50
N VAL B 269 31.97 3.27 7.43
CA VAL B 269 31.07 2.95 6.34
C VAL B 269 30.05 1.91 6.78
N GLN B 270 30.47 0.94 7.60
CA GLN B 270 29.54 -0.07 8.09
C GLN B 270 28.49 0.54 9.01
N LEU B 271 28.90 1.49 9.86
CA LEU B 271 27.95 2.14 10.75
C LEU B 271 26.98 3.04 10.00
N THR B 272 27.44 3.65 8.90
CA THR B 272 26.55 4.45 8.08
C THR B 272 25.45 3.59 7.46
N LEU B 273 25.80 2.37 7.03
CA LEU B 273 24.81 1.50 6.40
C LEU B 273 23.77 1.01 7.40
N ARG B 274 24.16 0.82 8.67
CA ARG B 274 23.19 0.42 9.68
C ARG B 274 22.17 1.53 9.93
N ASN B 275 22.65 2.77 10.06
CA ASN B 275 21.74 3.88 10.31
C ASN B 275 20.86 4.17 9.10
N MET B 276 21.36 3.93 7.89
CA MET B 276 20.54 4.07 6.70
C MET B 276 19.45 3.00 6.65
N ALA B 277 19.75 1.79 7.12
CA ALA B 277 18.76 0.72 7.12
C ALA B 277 17.64 1.01 8.11
N LEU B 278 17.97 1.60 9.26
CA LEU B 278 16.94 1.97 10.22
C LEU B 278 16.04 3.08 9.68
N GLU B 279 16.63 4.06 8.99
CA GLU B 279 15.83 5.13 8.39
C GLU B 279 14.97 4.62 7.24
N ALA B 280 15.46 3.62 6.51
CA ALA B 280 14.64 3.03 5.45
C ALA B 280 13.52 2.17 6.03
N PHE B 281 13.81 1.48 7.13
CA PHE B 281 12.77 0.75 7.86
C PHE B 281 11.64 1.69 8.25
N LYS B 282 11.97 2.83 8.83
CA LYS B 282 10.96 3.80 9.28
C LYS B 282 10.34 4.57 8.11
N ALA B 283 11.02 4.65 6.97
CA ALA B 283 10.49 5.43 5.86
C ALA B 283 9.18 4.87 5.34
N THR B 284 8.99 3.55 5.40
CA THR B 284 7.73 2.93 5.01
C THR B 284 6.95 2.42 6.21
N ASP B 285 7.31 2.87 7.42
CA ASP B 285 6.62 2.48 8.66
C ASP B 285 6.59 0.96 8.80
N CYS B 286 7.76 0.34 8.70
CA CYS B 286 7.84 -1.11 8.68
C CYS B 286 7.48 -1.71 10.03
N SER B 287 7.03 -2.97 10.00
CA SER B 287 6.77 -3.75 11.19
C SER B 287 7.40 -5.13 11.01
N GLY B 288 8.02 -5.63 12.08
CA GLY B 288 8.59 -6.96 12.04
C GLY B 288 10.02 -7.03 11.53
N LEU B 289 10.21 -6.82 10.22
CA LEU B 289 11.52 -7.04 9.62
C LEU B 289 11.60 -6.34 8.28
N VAL B 290 12.83 -6.20 7.78
CA VAL B 290 13.09 -5.71 6.43
C VAL B 290 14.56 -5.97 6.13
N ARG B 291 14.91 -5.98 4.84
CA ARG B 291 16.29 -6.14 4.41
C ARG B 291 16.63 -5.02 3.43
N ALA B 292 17.59 -4.19 3.81
CA ALA B 292 17.99 -3.04 3.00
C ALA B 292 19.22 -3.40 2.16
N ASP B 293 19.18 -3.07 0.88
CA ASP B 293 20.25 -3.38 -0.06
C ASP B 293 20.89 -2.09 -0.55
N PHE B 294 22.21 -2.09 -0.67
CA PHE B 294 22.97 -0.89 -0.97
C PHE B 294 23.94 -1.12 -2.12
N PHE B 295 24.35 -0.02 -2.74
CA PHE B 295 25.45 0.02 -3.70
C PHE B 295 26.57 0.87 -3.11
N VAL B 296 27.80 0.36 -3.16
CA VAL B 296 28.98 1.09 -2.70
C VAL B 296 30.00 1.07 -3.83
N THR B 297 30.35 2.25 -4.34
CA THR B 297 31.26 2.37 -5.47
C THR B 297 32.71 2.19 -5.02
N GLU B 298 33.63 2.27 -5.98
CA GLU B 298 35.04 2.11 -5.66
C GLU B 298 35.63 3.34 -4.99
N ASP B 299 35.06 4.53 -5.25
CA ASP B 299 35.45 5.74 -4.56
C ASP B 299 34.60 6.01 -3.32
N ASN B 300 33.95 4.97 -2.79
CA ASN B 300 33.31 4.98 -1.48
C ASN B 300 32.06 5.87 -1.44
N GLN B 301 31.34 5.95 -2.55
CA GLN B 301 30.04 6.62 -2.57
C GLN B 301 28.94 5.59 -2.35
N ILE B 302 27.88 6.02 -1.67
CA ILE B 302 26.85 5.11 -1.16
C ILE B 302 25.49 5.53 -1.71
N TYR B 303 24.78 4.56 -2.30
CA TYR B 303 23.38 4.70 -2.68
C TYR B 303 22.60 3.55 -2.09
N ILE B 304 21.35 3.80 -1.69
CA ILE B 304 20.47 2.72 -1.28
C ILE B 304 19.71 2.24 -2.50
N ASN B 305 19.52 0.92 -2.60
CA ASN B 305 18.90 0.32 -3.77
C ASN B 305 17.42 0.08 -3.53
N GLU B 306 17.10 -0.80 -2.58
CA GLU B 306 15.71 -1.11 -2.24
C GLU B 306 15.68 -1.75 -0.86
N THR B 307 14.47 -1.87 -0.33
CA THR B 307 14.18 -2.68 0.84
C THR B 307 13.15 -3.74 0.45
N ASN B 308 13.13 -4.83 1.20
CA ASN B 308 12.22 -5.94 0.92
C ASN B 308 11.49 -6.33 2.19
N ALA B 309 10.15 -6.37 2.12
CA ALA B 309 9.34 -6.56 3.31
C ALA B 309 9.45 -7.99 3.85
N MET B 310 9.54 -8.97 2.97
CA MET B 310 9.76 -10.37 3.36
C MET B 310 10.91 -10.90 2.53
N PRO B 311 12.14 -10.74 3.01
CA PRO B 311 13.30 -11.25 2.25
C PRO B 311 13.31 -12.76 2.22
N GLY B 312 14.07 -13.29 1.27
CA GLY B 312 14.17 -14.73 1.12
C GLY B 312 14.87 -15.37 2.30
N PHE B 313 14.52 -16.63 2.55
CA PHE B 313 15.20 -17.46 3.55
C PHE B 313 15.81 -18.70 2.93
N THR B 314 16.10 -18.66 1.63
CA THR B 314 16.68 -19.80 0.95
C THR B 314 18.14 -20.00 1.39
N ALA B 315 18.72 -21.11 0.96
CA ALA B 315 20.13 -21.37 1.25
C ALA B 315 21.04 -20.34 0.60
N PHE B 316 20.58 -19.69 -0.46
CA PHE B 316 21.33 -18.64 -1.14
C PHE B 316 20.98 -17.25 -0.63
N SER B 317 20.07 -17.15 0.33
CA SER B 317 19.65 -15.87 0.88
C SER B 317 20.65 -15.39 1.93
N MET B 318 20.42 -14.20 2.47
CA MET B 318 21.35 -13.59 3.42
C MET B 318 20.71 -13.09 4.70
N TYR B 319 19.39 -12.89 4.74
CA TYR B 319 18.76 -12.38 5.96
C TYR B 319 19.00 -13.26 7.18
N PRO B 320 18.87 -14.60 7.11
CA PRO B 320 19.20 -15.39 8.31
C PRO B 320 20.68 -15.39 8.63
N LYS B 321 21.54 -15.47 7.62
CA LYS B 321 22.97 -15.47 7.87
C LYS B 321 23.46 -14.17 8.49
N LEU B 322 22.81 -13.05 8.15
CA LEU B 322 23.19 -11.76 8.72
C LEU B 322 22.94 -11.72 10.22
N TRP B 323 21.83 -12.30 10.67
CA TRP B 323 21.53 -12.33 12.10
C TRP B 323 22.29 -13.41 12.85
N GLU B 324 22.76 -14.45 12.16
CA GLU B 324 23.61 -15.44 12.81
C GLU B 324 24.96 -14.82 13.20
N ASN B 325 25.50 -13.95 12.34
CA ASN B 325 26.74 -13.27 12.65
C ASN B 325 26.61 -12.35 13.86
N MET B 326 25.38 -11.95 14.21
CA MET B 326 25.12 -11.15 15.39
C MET B 326 24.93 -12.00 16.65
N GLY B 327 25.10 -13.31 16.55
CA GLY B 327 24.87 -14.19 17.67
C GLY B 327 23.45 -14.66 17.83
N LEU B 328 22.56 -14.36 16.88
CA LEU B 328 21.16 -14.77 16.92
C LEU B 328 20.99 -15.90 15.92
N SER B 329 20.89 -17.13 16.43
CA SER B 329 20.83 -18.30 15.57
C SER B 329 19.50 -18.33 14.80
N TYR B 330 19.43 -19.27 13.85
CA TYR B 330 18.23 -19.39 13.02
C TYR B 330 16.97 -19.70 13.83
N PRO B 331 16.94 -20.70 14.71
CA PRO B 331 15.70 -20.94 15.47
C PRO B 331 15.30 -19.78 16.36
N GLU B 332 16.27 -18.97 16.79
CA GLU B 332 15.94 -17.80 17.60
C GLU B 332 15.32 -16.69 16.75
N LEU B 333 15.78 -16.55 15.51
CA LEU B 333 15.23 -15.53 14.62
C LEU B 333 13.76 -15.82 14.31
N ILE B 334 13.42 -17.08 14.11
CA ILE B 334 12.02 -17.44 13.85
C ILE B 334 11.17 -17.14 15.07
N THR B 335 11.65 -17.50 16.25
CA THR B 335 10.89 -17.26 17.48
C THR B 335 10.71 -15.77 17.73
N LYS B 336 11.75 -14.97 17.49
CA LYS B 336 11.67 -13.54 17.73
C LYS B 336 10.63 -12.88 16.81
N LEU B 337 10.55 -13.35 15.56
CA LEU B 337 9.56 -12.79 14.63
C LEU B 337 8.15 -13.10 15.09
N ILE B 338 7.93 -14.29 15.66
CA ILE B 338 6.59 -14.65 16.12
C ILE B 338 6.19 -13.81 17.33
N GLU B 339 7.14 -13.51 18.21
CA GLU B 339 6.85 -12.66 19.36
C GLU B 339 6.47 -11.25 18.93
N LEU B 340 7.15 -10.71 17.92
CA LEU B 340 6.81 -9.39 17.41
C LEU B 340 5.43 -9.36 16.81
N ALA B 341 4.99 -10.47 16.20
CA ALA B 341 3.64 -10.54 15.64
C ALA B 341 2.59 -10.50 16.74
N LYS B 342 2.81 -11.24 17.83
CA LYS B 342 1.86 -11.23 18.94
C LYS B 342 1.81 -9.87 19.60
N GLU B 343 2.95 -9.18 19.69
CA GLU B 343 2.98 -7.85 20.29
C GLU B 343 2.20 -6.85 19.44
N ARG B 344 2.41 -6.87 18.13
CA ARG B 344 1.73 -5.91 17.25
C ARG B 344 0.24 -6.15 17.22
N HIS B 345 -0.19 -7.42 17.29
CA HIS B 345 -1.61 -7.72 17.27
C HIS B 345 -2.30 -7.20 18.53
N GLN B 346 -1.66 -7.37 19.69
CA GLN B 346 -2.25 -6.89 20.93
C GLN B 346 -2.39 -5.37 20.92
N ASP B 347 -1.45 -4.67 20.30
CA ASP B 347 -1.55 -3.22 20.22
C ASP B 347 -2.68 -2.78 19.31
N LYS B 348 -2.99 -3.58 18.28
CA LYS B 348 -4.13 -3.26 17.43
C LYS B 348 -5.45 -3.41 18.19
N GLN B 349 -5.67 -4.56 18.80
CA GLN B 349 -6.87 -4.79 19.59
C GLN B 349 -6.89 -3.91 20.83
#